data_6PME
#
_entry.id   6PME
#
_cell.length_a   131.444
_cell.length_b   152.085
_cell.length_c   156.398
_cell.angle_alpha   90.000
_cell.angle_beta   90.000
_cell.angle_gamma   90.000
#
_symmetry.space_group_name_H-M   'I 2 2 2'
#
loop_
_entity.id
_entity.type
_entity.pdbx_description
1 polymer 'High affinity nerve growth factor receptor'
2 non-polymer 'ZINC ION'
3 non-polymer N-[2,4-bis(morpholin-4-yl)phenyl]-3-phenoxybenzamide
4 non-polymer 'S,R MESO-TARTARIC ACID'
5 water water
#
_entity_poly.entity_id   1
_entity_poly.type   'polypeptide(L)'
_entity_poly.pdbx_seq_one_letter_code
;GLQGHIIENPQYFSDACVHHIKRRDIVLKWELGEGAFGKVFLAECHNLLPEQDKMLVAVKALKEASESARQDFQREAELL
TMLQHQHIVRFFGVCTEGRPLLMVFEYMRHGDLNRFLRSHGPDAKLLAGGEDVAPGPLGLGQLLAVASQVAAGMVYLAGL
HFVHRDLATRNCLVGQGLVVKIGDFGMSRDIY(SEP)TDYYRVGGRTMLPIRWMPPESILYRKFTTESDVWSFGVVLWEI
FTYGKQPWYQLSNTEAIDCITQGRELERPRACPPEVYAIMRGCWQREPQQRHSIKDVHARLQALAQAPPVYLDVL
;
_entity_poly.pdbx_strand_id   A,B,C
#
loop_
_chem_comp.id
_chem_comp.type
_chem_comp.name
_chem_comp.formula
OOY non-polymer N-[2,4-bis(morpholin-4-yl)phenyl]-3-phenoxybenzamide 'C27 H29 N3 O4'
SRT non-polymer 'S,R MESO-TARTARIC ACID' 'C4 H6 O6'
ZN non-polymer 'ZINC ION' 'Zn 2'
#
# COMPACT_ATOMS: atom_id res chain seq x y z
N ALA A 16 -23.62 -9.08 -12.05
CA ALA A 16 -22.50 -10.11 -12.15
C ALA A 16 -23.07 -11.47 -11.75
N CYS A 17 -22.89 -12.49 -12.57
CA CYS A 17 -23.69 -13.73 -12.45
C CYS A 17 -23.19 -14.58 -11.31
N VAL A 18 -21.88 -14.65 -11.16
CA VAL A 18 -21.19 -15.35 -10.04
C VAL A 18 -21.14 -14.34 -8.89
N HIS A 19 -21.12 -14.74 -7.61
CA HIS A 19 -21.10 -13.69 -6.56
C HIS A 19 -19.69 -13.14 -6.36
N HIS A 20 -19.52 -11.84 -6.56
CA HIS A 20 -18.25 -11.10 -6.41
C HIS A 20 -18.17 -10.43 -5.03
N ILE A 21 -17.17 -10.76 -4.23
CA ILE A 21 -16.87 -10.01 -2.98
C ILE A 21 -15.73 -9.05 -3.29
N LYS A 22 -15.88 -7.81 -2.83
CA LYS A 22 -14.85 -6.75 -2.96
C LYS A 22 -13.72 -7.05 -1.98
N ARG A 23 -12.48 -6.92 -2.45
CA ARG A 23 -11.30 -7.04 -1.57
C ARG A 23 -11.45 -6.13 -0.36
N ARG A 24 -11.89 -4.91 -0.57
CA ARG A 24 -11.98 -3.91 0.51
C ARG A 24 -12.88 -4.47 1.60
N ASP A 25 -13.90 -5.26 1.28
CA ASP A 25 -14.85 -5.75 2.30
C ASP A 25 -14.22 -6.90 3.12
N ILE A 26 -13.01 -7.34 2.78
CA ILE A 26 -12.27 -8.40 3.50
C ILE A 26 -11.14 -7.80 4.33
N VAL A 27 -10.99 -8.31 5.56
CA VAL A 27 -9.79 -8.09 6.41
C VAL A 27 -9.21 -9.45 6.80
N LEU A 28 -8.01 -9.82 6.34
CA LEU A 28 -7.25 -11.01 6.83
C LEU A 28 -6.96 -10.86 8.34
N LYS A 29 -7.15 -11.94 9.08
CA LYS A 29 -7.01 -12.07 10.55
C LYS A 29 -5.78 -12.93 10.83
N TRP A 30 -5.81 -14.18 10.35
CA TRP A 30 -4.61 -15.04 10.31
C TRP A 30 -4.72 -16.09 9.17
N GLU A 31 -3.62 -16.87 9.03
CA GLU A 31 -3.47 -18.04 8.12
C GLU A 31 -4.03 -19.29 8.83
N LEU A 32 -4.89 -20.05 8.14
CA LEU A 32 -5.39 -21.37 8.59
C LEU A 32 -4.65 -22.51 7.87
N GLY A 33 -4.11 -22.30 6.67
CA GLY A 33 -3.48 -23.37 5.90
C GLY A 33 -2.79 -22.89 4.63
N GLU A 34 -1.90 -23.72 4.07
CA GLU A 34 -0.83 -23.39 3.08
C GLU A 34 -0.71 -24.57 2.09
N GLY A 35 -0.15 -24.35 0.88
CA GLY A 35 -0.01 -25.36 -0.18
C GLY A 35 1.14 -24.99 -1.11
N ALA A 36 1.03 -25.32 -2.42
CA ALA A 36 2.03 -24.97 -3.47
C ALA A 36 1.43 -23.94 -4.44
N PHE A 37 0.10 -23.94 -4.55
CA PHE A 37 -0.68 -22.98 -5.34
C PHE A 37 -1.26 -21.91 -4.38
N GLY A 38 -2.00 -22.38 -3.35
CA GLY A 38 -2.88 -21.56 -2.48
C GLY A 38 -2.36 -21.30 -1.08
N LYS A 39 -2.97 -20.34 -0.37
CA LYS A 39 -3.06 -20.22 1.11
C LYS A 39 -4.55 -20.13 1.51
N VAL A 40 -4.92 -20.39 2.75
CA VAL A 40 -6.30 -20.11 3.26
C VAL A 40 -6.19 -19.31 4.55
N PHE A 41 -7.00 -18.27 4.69
CA PHE A 41 -6.99 -17.36 5.86
C PHE A 41 -8.36 -17.35 6.53
N LEU A 42 -8.37 -17.11 7.82
CA LEU A 42 -9.58 -16.55 8.47
C LEU A 42 -9.58 -15.03 8.21
N ALA A 43 -10.74 -14.46 7.89
CA ALA A 43 -10.89 -13.01 7.65
C ALA A 43 -12.28 -12.62 8.11
N GLU A 44 -12.57 -11.34 8.26
CA GLU A 44 -13.92 -10.82 8.52
C GLU A 44 -14.43 -10.29 7.20
N CYS A 45 -15.67 -10.60 6.86
CA CYS A 45 -16.36 -10.02 5.70
C CYS A 45 -17.29 -8.93 6.22
N HIS A 46 -17.32 -7.76 5.57
CA HIS A 46 -18.29 -6.67 5.82
C HIS A 46 -19.42 -6.81 4.80
N ASN A 47 -20.67 -6.70 5.28
CA ASN A 47 -21.95 -6.76 4.50
C ASN A 47 -22.22 -8.23 4.13
N LYS A 54 -20.94 -7.56 9.65
CA LYS A 54 -19.58 -8.13 9.88
C LYS A 54 -19.67 -9.61 10.29
N MET A 55 -19.02 -10.51 9.54
CA MET A 55 -18.99 -11.97 9.82
C MET A 55 -17.61 -12.56 9.49
N LEU A 56 -17.26 -13.72 10.06
CA LEU A 56 -15.99 -14.43 9.75
C LEU A 56 -16.23 -15.36 8.58
N VAL A 57 -15.17 -15.72 7.89
CA VAL A 57 -15.17 -16.52 6.63
C VAL A 57 -13.79 -17.16 6.48
N ALA A 58 -13.63 -17.98 5.44
CA ALA A 58 -12.34 -18.55 5.02
C ALA A 58 -12.06 -18.07 3.61
N VAL A 59 -10.82 -17.68 3.32
CA VAL A 59 -10.51 -17.07 1.99
C VAL A 59 -9.38 -17.87 1.36
N LYS A 60 -9.65 -18.51 0.23
CA LYS A 60 -8.60 -19.26 -0.49
C LYS A 60 -7.93 -18.19 -1.32
N ALA A 61 -6.68 -17.90 -1.01
CA ALA A 61 -5.91 -16.93 -1.78
C ALA A 61 -5.00 -17.73 -2.66
N LEU A 62 -5.15 -17.63 -3.98
CA LEU A 62 -4.28 -18.26 -4.97
C LEU A 62 -3.30 -17.21 -5.51
N LYS A 63 -2.01 -17.30 -5.19
CA LYS A 63 -1.00 -16.25 -5.58
C LYS A 63 -0.23 -16.69 -6.84
N GLU A 64 -0.38 -17.96 -7.25
CA GLU A 64 0.36 -18.60 -8.37
C GLU A 64 -0.46 -18.45 -9.65
N ALA A 65 -0.67 -17.23 -10.13
CA ALA A 65 -1.88 -16.94 -10.93
C ALA A 65 -1.57 -16.79 -12.44
N SER A 66 -1.09 -17.88 -13.08
CA SER A 66 -0.99 -18.04 -14.56
C SER A 66 -2.40 -18.13 -15.18
N GLU A 67 -2.56 -17.74 -16.44
CA GLU A 67 -3.92 -17.60 -17.04
C GLU A 67 -4.59 -18.97 -17.03
N SER A 68 -3.88 -20.03 -17.41
CA SER A 68 -4.33 -21.42 -17.21
C SER A 68 -4.93 -21.58 -15.80
N ALA A 69 -4.23 -21.13 -14.77
CA ALA A 69 -4.69 -21.31 -13.38
C ALA A 69 -5.87 -20.37 -13.10
N ARG A 70 -5.79 -19.12 -13.56
CA ARG A 70 -6.89 -18.15 -13.36
C ARG A 70 -8.18 -18.75 -13.94
N GLN A 71 -8.16 -19.15 -15.20
CA GLN A 71 -9.33 -19.72 -15.90
C GLN A 71 -9.84 -20.89 -15.07
N ASP A 72 -8.98 -21.87 -14.77
CA ASP A 72 -9.40 -23.00 -13.90
C ASP A 72 -10.21 -22.43 -12.74
N PHE A 73 -9.72 -21.39 -12.06
CA PHE A 73 -10.27 -20.80 -10.81
C PHE A 73 -11.64 -20.16 -11.11
N GLN A 74 -11.76 -19.42 -12.22
CA GLN A 74 -13.07 -18.95 -12.73
C GLN A 74 -14.00 -20.17 -12.88
N ARG A 75 -13.62 -21.20 -13.67
CA ARG A 75 -14.45 -22.43 -13.91
C ARG A 75 -14.95 -23.02 -12.56
N GLU A 76 -14.08 -23.07 -11.56
CA GLU A 76 -14.35 -23.67 -10.25
C GLU A 76 -15.42 -22.82 -9.55
N ALA A 77 -15.35 -21.50 -9.69
CA ALA A 77 -16.27 -20.59 -8.98
C ALA A 77 -17.62 -20.63 -9.67
N GLU A 78 -17.56 -20.63 -11.00
CA GLU A 78 -18.73 -20.80 -11.90
C GLU A 78 -19.56 -22.01 -11.43
N LEU A 79 -18.91 -23.14 -11.14
CA LEU A 79 -19.56 -24.36 -10.59
C LEU A 79 -20.05 -24.13 -9.15
N LEU A 80 -19.20 -23.70 -8.23
CA LEU A 80 -19.58 -23.78 -6.80
C LEU A 80 -20.74 -22.82 -6.57
N THR A 81 -20.88 -21.81 -7.42
CA THR A 81 -21.88 -20.73 -7.28
C THR A 81 -23.27 -21.35 -7.27
N MET A 82 -23.35 -22.54 -7.90
CA MET A 82 -24.62 -23.23 -8.22
C MET A 82 -24.90 -24.29 -7.16
N LEU A 83 -23.86 -24.87 -6.57
CA LEU A 83 -24.02 -25.95 -5.57
C LEU A 83 -24.47 -25.33 -4.25
N GLN A 84 -25.18 -26.09 -3.43
CA GLN A 84 -25.81 -25.59 -2.18
C GLN A 84 -26.39 -26.78 -1.40
N HIS A 85 -25.75 -27.14 -0.29
CA HIS A 85 -26.25 -28.26 0.52
C HIS A 85 -25.81 -28.09 1.97
N GLN A 86 -26.63 -28.60 2.91
CA GLN A 86 -26.42 -28.47 4.38
C GLN A 86 -25.07 -29.08 4.74
N HIS A 87 -24.50 -29.96 3.90
CA HIS A 87 -23.23 -30.68 4.18
C HIS A 87 -22.22 -30.52 3.03
N ILE A 88 -22.32 -29.40 2.30
CA ILE A 88 -21.28 -28.90 1.34
C ILE A 88 -20.79 -27.54 1.83
N VAL A 89 -19.53 -27.38 2.18
CA VAL A 89 -19.06 -26.10 2.82
C VAL A 89 -19.56 -24.94 1.95
N ARG A 90 -20.10 -23.88 2.54
CA ARG A 90 -20.86 -22.84 1.78
C ARG A 90 -19.88 -21.98 0.99
N PHE A 91 -20.22 -21.59 -0.23
CA PHE A 91 -19.40 -20.68 -1.07
C PHE A 91 -20.13 -19.36 -1.17
N PHE A 92 -19.49 -18.31 -0.68
CA PHE A 92 -20.00 -16.92 -0.64
C PHE A 92 -19.62 -16.17 -1.93
N GLY A 93 -18.45 -16.45 -2.51
CA GLY A 93 -18.12 -15.86 -3.82
C GLY A 93 -16.66 -15.68 -4.11
N VAL A 94 -16.35 -14.81 -5.06
CA VAL A 94 -15.00 -14.81 -5.66
C VAL A 94 -14.65 -13.38 -6.02
N CYS A 95 -13.35 -13.09 -6.09
CA CYS A 95 -12.84 -11.86 -6.68
C CYS A 95 -11.52 -12.12 -7.43
N THR A 96 -11.62 -11.93 -8.73
CA THR A 96 -10.51 -12.06 -9.72
C THR A 96 -10.04 -10.65 -10.07
N GLU A 97 -10.40 -9.67 -9.23
CA GLU A 97 -10.00 -8.24 -9.31
C GLU A 97 -8.56 -8.12 -8.81
N GLY A 98 -7.60 -8.57 -9.60
CA GLY A 98 -6.19 -8.45 -9.20
C GLY A 98 -5.75 -9.69 -8.46
N ARG A 99 -4.94 -9.54 -7.42
CA ARG A 99 -4.05 -10.64 -6.96
C ARG A 99 -3.79 -10.49 -5.49
N PRO A 100 -3.77 -11.61 -4.74
CA PRO A 100 -4.07 -12.93 -5.29
C PRO A 100 -5.56 -13.20 -5.56
N LEU A 101 -5.90 -14.22 -6.33
CA LEU A 101 -7.32 -14.55 -6.68
C LEU A 101 -7.97 -15.03 -5.42
N LEU A 102 -9.20 -14.65 -5.17
CA LEU A 102 -9.81 -14.95 -3.85
C LEU A 102 -11.05 -15.77 -4.07
N MET A 103 -11.21 -16.82 -3.27
CA MET A 103 -12.50 -17.51 -3.18
C MET A 103 -12.93 -17.45 -1.73
N VAL A 104 -14.19 -17.13 -1.44
CA VAL A 104 -14.67 -16.93 -0.03
C VAL A 104 -15.69 -18.01 0.34
N PHE A 105 -15.47 -18.67 1.49
CA PHE A 105 -16.37 -19.67 2.09
C PHE A 105 -16.75 -19.33 3.54
N GLU A 106 -17.71 -20.10 4.05
CA GLU A 106 -18.07 -20.00 5.48
C GLU A 106 -16.84 -20.47 6.24
N TYR A 107 -16.62 -19.93 7.43
CA TYR A 107 -15.49 -20.39 8.27
C TYR A 107 -15.97 -21.66 8.97
N MET A 108 -15.20 -22.75 8.94
CA MET A 108 -15.44 -23.95 9.76
C MET A 108 -14.34 -23.94 10.87
N ARG A 109 -14.81 -23.64 12.09
CA ARG A 109 -14.00 -23.31 13.32
C ARG A 109 -13.04 -24.43 13.76
N HIS A 110 -13.37 -25.71 13.53
CA HIS A 110 -12.62 -26.89 14.06
C HIS A 110 -11.75 -27.52 12.96
N GLY A 111 -11.84 -27.03 11.73
CA GLY A 111 -10.88 -27.38 10.66
C GLY A 111 -11.35 -28.59 9.78
N ASP A 112 -10.30 -29.32 9.32
CA ASP A 112 -10.42 -30.63 8.61
C ASP A 112 -10.66 -31.78 9.61
N LEU A 113 -11.56 -32.70 9.24
CA LEU A 113 -12.07 -33.80 10.10
C LEU A 113 -10.92 -34.73 10.53
N ASN A 114 -9.95 -35.03 9.66
CA ASN A 114 -8.81 -35.93 9.98
C ASN A 114 -8.03 -35.40 11.18
N ARG A 115 -7.76 -34.11 11.25
CA ARG A 115 -7.07 -33.47 12.41
C ARG A 115 -8.06 -33.47 13.57
N PHE A 116 -9.34 -33.35 13.28
CA PHE A 116 -10.38 -33.23 14.32
C PHE A 116 -10.54 -34.57 15.02
N LEU A 117 -10.68 -35.64 14.25
CA LEU A 117 -10.76 -37.01 14.79
C LEU A 117 -9.51 -37.26 15.65
N ARG A 118 -8.33 -36.88 15.15
CA ARG A 118 -7.06 -37.18 15.84
C ARG A 118 -7.04 -36.43 17.18
N SER A 119 -7.56 -35.19 17.19
CA SER A 119 -7.70 -34.42 18.44
C SER A 119 -8.52 -35.28 19.39
N HIS A 120 -9.77 -35.54 18.99
CA HIS A 120 -10.87 -35.94 19.91
C HIS A 120 -10.96 -37.47 19.99
N GLY A 121 -9.82 -38.17 20.02
CA GLY A 121 -9.72 -39.65 20.11
C GLY A 121 -8.69 -40.07 21.16
N PRO A 122 -8.69 -41.35 21.65
CA PRO A 122 -7.99 -41.72 22.88
C PRO A 122 -6.53 -41.23 23.00
N ASP A 123 -5.99 -40.54 21.98
CA ASP A 123 -4.73 -39.72 22.07
C ASP A 123 -5.09 -38.27 22.47
N GLY A 136 -12.49 -36.23 26.68
CA GLY A 136 -12.32 -37.64 26.29
C GLY A 136 -12.50 -37.86 24.78
N PRO A 137 -12.51 -39.14 24.35
CA PRO A 137 -12.92 -39.49 22.98
C PRO A 137 -14.31 -38.95 22.56
N LEU A 138 -14.96 -39.58 21.56
CA LEU A 138 -16.32 -39.19 21.06
C LEU A 138 -17.34 -40.33 21.32
N GLY A 139 -18.54 -39.98 21.83
CA GLY A 139 -19.76 -40.80 21.82
C GLY A 139 -20.04 -41.43 20.46
N LEU A 140 -20.22 -42.75 20.41
CA LEU A 140 -20.54 -43.56 19.20
C LEU A 140 -21.69 -42.91 18.43
N GLY A 141 -22.56 -42.15 19.11
CA GLY A 141 -23.60 -41.35 18.45
C GLY A 141 -23.00 -40.18 17.68
N GLN A 142 -21.86 -39.66 18.17
CA GLN A 142 -21.15 -38.50 17.59
C GLN A 142 -20.36 -39.02 16.39
N LEU A 143 -19.74 -40.20 16.52
CA LEU A 143 -19.01 -40.80 15.39
C LEU A 143 -20.04 -41.13 14.31
N LEU A 144 -21.25 -41.51 14.71
CA LEU A 144 -22.32 -41.85 13.71
C LEU A 144 -22.85 -40.56 13.06
N ALA A 145 -23.07 -39.49 13.83
CA ALA A 145 -23.48 -38.15 13.31
C ALA A 145 -22.47 -37.63 12.27
N VAL A 146 -21.18 -37.80 12.51
CA VAL A 146 -20.11 -37.42 11.55
C VAL A 146 -20.33 -38.18 10.25
N ALA A 147 -20.15 -39.50 10.28
CA ALA A 147 -20.35 -40.43 9.14
C ALA A 147 -21.60 -40.02 8.35
N SER A 148 -22.72 -39.89 9.09
CA SER A 148 -24.06 -39.53 8.59
C SER A 148 -23.98 -38.24 7.79
N GLN A 149 -23.37 -37.22 8.41
CA GLN A 149 -23.33 -35.83 7.87
C GLN A 149 -22.47 -35.85 6.63
N VAL A 150 -21.39 -36.63 6.60
CA VAL A 150 -20.61 -36.70 5.33
C VAL A 150 -21.47 -37.40 4.28
N ALA A 151 -22.11 -38.54 4.62
CA ALA A 151 -22.91 -39.33 3.67
C ALA A 151 -23.95 -38.42 3.04
N ALA A 152 -24.62 -37.57 3.82
CA ALA A 152 -25.56 -36.57 3.26
C ALA A 152 -24.88 -35.86 2.09
N GLY A 153 -23.78 -35.15 2.37
CA GLY A 153 -23.00 -34.37 1.38
C GLY A 153 -22.73 -35.20 0.15
N MET A 154 -22.40 -36.47 0.34
CA MET A 154 -22.08 -37.36 -0.79
C MET A 154 -23.37 -37.73 -1.55
N VAL A 155 -24.52 -37.85 -0.82
CA VAL A 155 -25.87 -38.09 -1.45
C VAL A 155 -26.13 -36.92 -2.44
N TYR A 156 -25.75 -35.68 -2.10
CA TYR A 156 -26.01 -34.46 -2.96
C TYR A 156 -25.22 -34.45 -4.31
N LEU A 157 -23.92 -34.65 -4.19
CA LEU A 157 -22.96 -34.89 -5.30
C LEU A 157 -23.40 -36.06 -6.19
N ALA A 158 -24.01 -37.15 -5.66
CA ALA A 158 -24.28 -38.39 -6.46
C ALA A 158 -25.54 -38.21 -7.32
N GLY A 159 -26.57 -37.63 -6.72
CA GLY A 159 -27.75 -37.18 -7.47
C GLY A 159 -27.37 -36.20 -8.57
N LEU A 160 -26.32 -35.38 -8.40
CA LEU A 160 -25.76 -34.50 -9.47
C LEU A 160 -24.87 -35.28 -10.43
N HIS A 161 -24.68 -36.59 -10.20
CA HIS A 161 -23.79 -37.47 -10.99
C HIS A 161 -22.44 -36.72 -10.95
N PHE A 162 -22.13 -36.02 -9.86
CA PHE A 162 -20.83 -35.29 -9.69
C PHE A 162 -19.88 -36.18 -8.89
N VAL A 163 -18.78 -36.62 -9.52
CA VAL A 163 -17.72 -37.49 -8.92
C VAL A 163 -16.60 -36.62 -8.32
N HIS A 164 -16.31 -36.88 -7.04
CA HIS A 164 -15.43 -36.04 -6.20
C HIS A 164 -13.98 -36.44 -6.48
N ARG A 165 -13.68 -37.73 -6.45
CA ARG A 165 -12.40 -38.36 -6.91
C ARG A 165 -11.35 -38.38 -5.78
N ASP A 166 -11.45 -37.52 -4.77
CA ASP A 166 -10.56 -37.62 -3.58
C ASP A 166 -11.29 -37.29 -2.28
N LEU A 167 -12.25 -38.13 -1.88
CA LEU A 167 -12.88 -38.02 -0.54
C LEU A 167 -12.01 -38.74 0.52
N ALA A 168 -11.95 -38.09 1.68
CA ALA A 168 -11.07 -38.35 2.83
C ALA A 168 -11.49 -37.42 3.97
N THR A 169 -11.03 -37.66 5.20
CA THR A 169 -11.37 -36.85 6.40
C THR A 169 -10.62 -35.50 6.33
N ARG A 170 -9.45 -35.48 5.67
CA ARG A 170 -8.74 -34.22 5.35
C ARG A 170 -9.63 -33.30 4.47
N ASN A 171 -10.52 -33.85 3.64
CA ASN A 171 -11.27 -33.05 2.62
C ASN A 171 -12.68 -32.75 3.11
N CYS A 172 -12.98 -33.09 4.35
CA CYS A 172 -14.20 -32.64 5.07
C CYS A 172 -13.80 -31.61 6.14
N LEU A 173 -14.75 -30.77 6.51
CA LEU A 173 -14.49 -29.73 7.52
C LEU A 173 -15.50 -29.84 8.65
N VAL A 174 -15.18 -29.30 9.83
CA VAL A 174 -15.98 -29.45 11.08
C VAL A 174 -16.18 -28.06 11.70
N GLY A 175 -17.43 -27.65 11.92
CA GLY A 175 -17.84 -26.35 12.49
C GLY A 175 -18.51 -26.47 13.86
N GLN A 176 -18.77 -25.34 14.53
CA GLN A 176 -19.48 -25.25 15.84
C GLN A 176 -20.61 -26.26 15.82
N GLY A 177 -20.89 -26.91 16.95
CA GLY A 177 -22.09 -27.74 17.14
C GLY A 177 -21.99 -29.07 16.42
N LEU A 178 -20.76 -29.56 16.28
CA LEU A 178 -20.33 -30.79 15.54
C LEU A 178 -21.03 -30.89 14.18
N VAL A 179 -21.14 -29.79 13.46
CA VAL A 179 -21.58 -29.79 12.04
C VAL A 179 -20.42 -30.26 11.18
N VAL A 180 -20.62 -31.26 10.37
CA VAL A 180 -19.60 -31.67 9.37
C VAL A 180 -20.11 -31.43 7.94
N LYS A 181 -19.19 -31.07 7.06
CA LYS A 181 -19.47 -30.79 5.63
C LYS A 181 -18.25 -31.19 4.82
N ILE A 182 -18.42 -31.28 3.50
CA ILE A 182 -17.31 -31.65 2.59
C ILE A 182 -16.68 -30.33 2.12
N GLY A 183 -15.36 -30.16 2.35
CA GLY A 183 -14.57 -28.94 2.06
C GLY A 183 -13.72 -29.09 0.81
N ASP A 184 -14.44 -29.27 -0.31
CA ASP A 184 -14.04 -30.02 -1.54
C ASP A 184 -12.58 -30.48 -1.45
N PHE A 185 -11.66 -29.79 -2.12
CA PHE A 185 -10.24 -30.19 -2.27
C PHE A 185 -9.36 -29.27 -1.41
N GLY A 186 -9.05 -28.04 -1.88
CA GLY A 186 -8.00 -27.16 -1.34
C GLY A 186 -6.62 -27.56 -1.86
N MET A 187 -5.61 -27.69 -0.99
CA MET A 187 -4.22 -28.06 -1.37
C MET A 187 -3.75 -29.29 -0.55
N SER A 188 -4.69 -30.15 -0.12
CA SER A 188 -4.47 -31.37 0.71
C SER A 188 -3.28 -32.20 0.22
N ARG A 189 -2.99 -32.19 -1.09
CA ARG A 189 -1.91 -32.98 -1.74
C ARG A 189 -0.53 -32.55 -1.19
N ASP A 190 -0.38 -31.26 -0.81
CA ASP A 190 0.83 -30.66 -0.19
C ASP A 190 0.86 -31.03 1.31
N ILE A 191 -0.19 -30.62 2.03
CA ILE A 191 -0.38 -30.74 3.51
C ILE A 191 -0.23 -32.21 3.92
N TYR A 192 -1.15 -33.06 3.46
CA TYR A 192 -1.26 -34.52 3.78
C TYR A 192 -0.56 -35.32 2.69
N SEP A 193 0.77 -35.29 2.71
CA SEP A 193 1.57 -35.55 1.53
CB SEP A 193 2.93 -34.98 1.74
OG SEP A 193 3.64 -35.10 0.48
C SEP A 193 1.60 -37.04 1.19
O SEP A 193 1.40 -37.39 0.03
P SEP A 193 5.13 -34.50 0.40
O1P SEP A 193 5.91 -35.23 1.47
O2P SEP A 193 5.59 -34.80 -1.03
O3P SEP A 193 4.95 -33.00 0.69
N THR A 194 1.86 -37.91 2.18
CA THR A 194 2.08 -39.33 1.95
C THR A 194 0.78 -40.07 1.53
N ASP A 195 -0.40 -39.42 1.70
CA ASP A 195 -1.74 -40.03 1.45
C ASP A 195 -1.88 -40.36 -0.06
N TYR A 196 -1.16 -39.59 -0.89
CA TYR A 196 -1.08 -39.69 -2.38
C TYR A 196 0.19 -40.44 -2.79
N TYR A 197 0.52 -40.44 -4.11
CA TYR A 197 1.67 -41.13 -4.75
C TYR A 197 1.90 -40.58 -6.17
N ARG A 198 3.16 -40.54 -6.60
CA ARG A 198 3.60 -39.93 -7.89
C ARG A 198 3.27 -40.86 -9.07
N VAL A 199 3.34 -40.31 -10.30
CA VAL A 199 3.10 -41.02 -11.60
C VAL A 199 3.96 -40.38 -12.70
N THR A 203 1.25 -37.18 -11.71
CA THR A 203 -0.02 -37.01 -10.92
C THR A 203 0.19 -37.60 -9.51
N MET A 204 -0.61 -37.12 -8.56
CA MET A 204 -0.64 -37.58 -7.15
C MET A 204 -2.03 -38.16 -6.87
N LEU A 205 -2.13 -39.46 -6.57
CA LEU A 205 -3.42 -40.20 -6.54
C LEU A 205 -3.67 -40.77 -5.13
N PRO A 206 -4.85 -40.51 -4.49
CA PRO A 206 -5.11 -40.96 -3.11
C PRO A 206 -5.37 -42.47 -3.05
N ILE A 207 -4.35 -43.26 -3.40
CA ILE A 207 -4.47 -44.73 -3.63
C ILE A 207 -5.10 -45.42 -2.42
N ARG A 208 -4.78 -44.99 -1.22
CA ARG A 208 -5.34 -45.66 -0.02
C ARG A 208 -6.86 -45.46 0.04
N TRP A 209 -7.49 -44.63 -0.80
CA TRP A 209 -8.95 -44.40 -0.71
C TRP A 209 -9.72 -44.87 -1.98
N MET A 210 -8.97 -45.51 -2.87
CA MET A 210 -9.46 -45.79 -4.24
C MET A 210 -9.75 -47.26 -4.37
N PRO A 211 -10.86 -47.63 -5.04
CA PRO A 211 -11.09 -49.02 -5.39
C PRO A 211 -10.12 -49.47 -6.49
N PRO A 212 -10.05 -50.79 -6.73
CA PRO A 212 -9.17 -51.35 -7.75
C PRO A 212 -9.34 -50.82 -9.18
N GLU A 213 -10.58 -50.65 -9.67
CA GLU A 213 -10.87 -50.17 -11.05
C GLU A 213 -10.34 -48.76 -11.24
N SER A 214 -10.47 -47.93 -10.21
CA SER A 214 -9.91 -46.57 -10.16
C SER A 214 -8.39 -46.70 -10.23
N ILE A 215 -7.84 -47.66 -9.48
CA ILE A 215 -6.39 -47.96 -9.50
C ILE A 215 -6.06 -48.52 -10.88
N LEU A 216 -6.45 -49.79 -11.14
CA LEU A 216 -6.14 -50.56 -12.37
C LEU A 216 -6.62 -49.80 -13.62
N TYR A 217 -7.94 -49.70 -13.82
CA TYR A 217 -8.51 -49.19 -15.10
C TYR A 217 -8.52 -47.66 -15.11
N ARG A 218 -8.36 -47.00 -13.96
CA ARG A 218 -8.36 -45.51 -13.86
C ARG A 218 -9.81 -44.98 -13.99
N LYS A 219 -10.85 -45.81 -13.79
CA LYS A 219 -12.27 -45.36 -13.84
C LYS A 219 -12.67 -44.77 -12.48
N PHE A 220 -13.16 -43.53 -12.50
CA PHE A 220 -13.72 -42.80 -11.32
C PHE A 220 -15.22 -42.54 -11.53
N THR A 221 -16.06 -43.06 -10.65
CA THR A 221 -17.52 -42.89 -10.70
C THR A 221 -18.07 -42.46 -9.32
N THR A 222 -19.42 -42.47 -9.24
CA THR A 222 -20.22 -42.51 -7.99
C THR A 222 -19.82 -43.72 -7.13
N GLU A 223 -19.54 -44.85 -7.79
CA GLU A 223 -19.41 -46.17 -7.15
C GLU A 223 -18.03 -46.26 -6.48
N SER A 224 -17.01 -45.72 -7.16
CA SER A 224 -15.68 -45.51 -6.56
C SER A 224 -15.78 -44.54 -5.37
N ASP A 225 -16.59 -43.48 -5.46
CA ASP A 225 -16.76 -42.51 -4.34
C ASP A 225 -17.35 -43.25 -3.14
N VAL A 226 -18.36 -44.10 -3.35
CA VAL A 226 -18.93 -44.87 -2.20
C VAL A 226 -17.78 -45.61 -1.54
N TRP A 227 -17.04 -46.41 -2.33
CA TRP A 227 -15.85 -47.17 -1.86
C TRP A 227 -15.05 -46.26 -0.95
N SER A 228 -14.78 -45.04 -1.39
CA SER A 228 -13.90 -44.08 -0.64
C SER A 228 -14.58 -43.68 0.66
N PHE A 229 -15.92 -43.59 0.60
CA PHE A 229 -16.73 -43.31 1.80
C PHE A 229 -16.66 -44.46 2.83
N GLY A 230 -16.42 -45.69 2.37
CA GLY A 230 -16.18 -46.85 3.25
C GLY A 230 -14.87 -46.68 4.06
N VAL A 231 -13.84 -46.28 3.28
CA VAL A 231 -12.50 -45.87 3.81
C VAL A 231 -12.64 -44.68 4.79
N VAL A 232 -13.43 -43.65 4.45
CA VAL A 232 -13.82 -42.52 5.35
C VAL A 232 -14.44 -43.05 6.65
N LEU A 233 -15.44 -43.90 6.50
CA LEU A 233 -16.11 -44.59 7.65
C LEU A 233 -15.07 -45.30 8.51
N TRP A 234 -14.08 -45.90 7.90
CA TRP A 234 -12.93 -46.44 8.66
C TRP A 234 -12.19 -45.34 9.42
N GLU A 235 -11.73 -44.31 8.71
CA GLU A 235 -10.99 -43.18 9.28
C GLU A 235 -11.74 -42.73 10.54
N ILE A 236 -13.05 -42.47 10.42
CA ILE A 236 -13.87 -41.94 11.56
C ILE A 236 -13.77 -42.88 12.77
N PHE A 237 -13.80 -44.19 12.53
CA PHE A 237 -13.92 -45.22 13.61
C PHE A 237 -12.55 -45.69 14.10
N THR A 238 -11.48 -45.20 13.47
CA THR A 238 -10.07 -45.30 13.96
C THR A 238 -9.61 -43.95 14.48
N TYR A 239 -10.53 -43.03 14.72
CA TYR A 239 -10.20 -41.63 15.04
C TYR A 239 -9.04 -41.13 14.17
N GLY A 240 -9.01 -41.52 12.89
CA GLY A 240 -8.23 -40.85 11.84
C GLY A 240 -6.82 -41.40 11.69
N LYS A 241 -6.67 -42.72 11.54
CA LYS A 241 -5.40 -43.36 11.10
C LYS A 241 -5.35 -43.30 9.56
N GLN A 242 -4.14 -43.31 8.99
CA GLN A 242 -3.96 -43.59 7.55
C GLN A 242 -4.34 -45.06 7.31
N PRO A 243 -5.25 -45.33 6.35
CA PRO A 243 -5.44 -46.67 5.81
C PRO A 243 -4.11 -47.36 5.47
N TRP A 244 -3.89 -48.53 6.08
CA TRP A 244 -2.71 -49.39 5.81
C TRP A 244 -1.43 -48.66 6.22
N TYR A 245 -1.48 -47.77 7.22
CA TYR A 245 -0.31 -47.00 7.71
C TYR A 245 0.90 -47.94 7.86
N GLN A 246 0.68 -49.10 8.48
CA GLN A 246 1.72 -50.17 8.57
C GLN A 246 2.44 -50.24 7.22
N LEU A 247 1.69 -50.19 6.10
CA LEU A 247 2.21 -50.48 4.74
C LEU A 247 2.54 -49.19 3.97
N SER A 248 3.43 -49.30 2.99
CA SER A 248 3.88 -48.20 2.10
C SER A 248 3.06 -48.21 0.82
N ASN A 249 3.10 -47.09 0.09
CA ASN A 249 2.25 -46.77 -1.09
C ASN A 249 2.26 -47.92 -2.12
N THR A 250 3.41 -48.53 -2.43
CA THR A 250 3.50 -49.56 -3.51
C THR A 250 2.97 -50.92 -3.03
N GLU A 251 3.10 -51.24 -1.73
CA GLU A 251 2.54 -52.50 -1.16
C GLU A 251 1.07 -52.26 -0.77
N ALA A 252 0.72 -51.04 -0.36
CA ALA A 252 -0.69 -50.64 -0.11
C ALA A 252 -1.58 -51.09 -1.28
N ILE A 253 -1.11 -50.87 -2.51
CA ILE A 253 -1.82 -51.16 -3.80
C ILE A 253 -2.02 -52.67 -3.97
N ASP A 254 -0.94 -53.44 -3.78
CA ASP A 254 -1.00 -54.92 -3.88
C ASP A 254 -2.04 -55.43 -2.88
N CYS A 255 -2.31 -54.71 -1.78
CA CYS A 255 -3.34 -55.12 -0.79
C CYS A 255 -4.73 -54.85 -1.34
N ILE A 256 -5.03 -53.58 -1.68
CA ILE A 256 -6.36 -53.08 -2.17
C ILE A 256 -6.79 -53.96 -3.36
N THR A 257 -5.82 -54.16 -4.29
CA THR A 257 -5.96 -54.92 -5.57
C THR A 257 -6.17 -56.40 -5.27
N GLN A 258 -5.38 -56.99 -4.37
CA GLN A 258 -5.51 -58.43 -4.05
C GLN A 258 -6.76 -58.66 -3.19
N GLY A 259 -7.51 -57.62 -2.88
CA GLY A 259 -8.90 -57.78 -2.42
C GLY A 259 -8.98 -57.88 -0.90
N ARG A 260 -7.86 -57.70 -0.21
CA ARG A 260 -7.85 -57.66 1.26
C ARG A 260 -8.60 -56.37 1.67
N GLU A 261 -9.64 -56.50 2.50
CA GLU A 261 -10.43 -55.40 3.13
C GLU A 261 -9.58 -54.77 4.23
N LEU A 262 -10.05 -53.74 4.94
CA LEU A 262 -9.38 -53.17 6.14
C LEU A 262 -10.06 -53.74 7.38
N GLU A 263 -9.25 -53.93 8.43
CA GLU A 263 -9.64 -54.60 9.69
C GLU A 263 -10.84 -53.82 10.26
N ARG A 264 -11.79 -54.51 10.94
CA ARG A 264 -12.83 -53.83 11.77
C ARG A 264 -12.11 -53.13 12.92
N PRO A 265 -12.30 -51.79 13.08
CA PRO A 265 -11.78 -51.06 14.23
C PRO A 265 -12.33 -51.48 15.61
N ARG A 266 -11.54 -51.31 16.66
CA ARG A 266 -11.97 -51.51 18.07
C ARG A 266 -13.29 -50.75 18.25
N ALA A 267 -13.28 -49.43 18.04
CA ALA A 267 -14.41 -48.54 18.35
C ALA A 267 -15.63 -48.88 17.46
N CYS A 268 -15.57 -49.96 16.64
CA CYS A 268 -16.54 -50.17 15.53
C CYS A 268 -17.49 -51.34 15.80
N PRO A 269 -18.82 -51.04 15.80
CA PRO A 269 -19.86 -52.05 15.66
C PRO A 269 -19.71 -52.88 14.38
N PRO A 270 -20.05 -54.20 14.46
CA PRO A 270 -20.09 -55.02 13.26
C PRO A 270 -21.20 -54.53 12.29
N GLU A 271 -22.28 -53.93 12.81
CA GLU A 271 -23.39 -53.34 11.99
C GLU A 271 -22.73 -52.41 10.98
N VAL A 272 -21.95 -51.47 11.52
CA VAL A 272 -21.25 -50.35 10.83
C VAL A 272 -20.24 -50.92 9.84
N TYR A 273 -19.49 -51.96 10.28
CA TYR A 273 -18.39 -52.61 9.51
C TYR A 273 -18.97 -53.48 8.33
N ALA A 274 -20.30 -53.75 8.53
CA ALA A 274 -21.21 -54.26 7.47
C ALA A 274 -21.39 -53.21 6.36
N ILE A 275 -21.58 -51.96 6.76
CA ILE A 275 -21.75 -50.79 5.86
C ILE A 275 -20.47 -50.64 5.02
N MET A 276 -19.31 -50.71 5.67
CA MET A 276 -17.97 -50.67 5.03
C MET A 276 -17.79 -51.80 4.02
N ARG A 277 -18.18 -53.02 4.41
CA ARG A 277 -18.05 -54.25 3.58
C ARG A 277 -18.89 -53.97 2.32
N GLY A 278 -20.10 -53.40 2.53
CA GLY A 278 -21.08 -53.02 1.49
C GLY A 278 -20.63 -51.87 0.59
N CYS A 279 -19.66 -51.08 1.01
CA CYS A 279 -18.96 -50.09 0.18
C CYS A 279 -17.83 -50.77 -0.61
N TRP A 280 -17.22 -51.80 -0.04
CA TRP A 280 -15.93 -52.32 -0.58
C TRP A 280 -16.13 -53.43 -1.60
N GLN A 281 -17.37 -53.75 -1.99
CA GLN A 281 -17.65 -54.81 -2.99
C GLN A 281 -16.60 -54.67 -4.09
N ARG A 282 -15.96 -55.76 -4.55
CA ARG A 282 -14.92 -55.61 -5.60
C ARG A 282 -15.56 -54.96 -6.81
N GLU A 283 -16.82 -55.36 -7.06
CA GLU A 283 -17.62 -55.03 -8.24
C GLU A 283 -18.46 -53.77 -7.97
N PRO A 284 -18.18 -52.67 -8.71
CA PRO A 284 -18.80 -51.36 -8.48
C PRO A 284 -20.34 -51.34 -8.39
N GLN A 285 -20.96 -52.21 -9.23
CA GLN A 285 -22.43 -52.43 -9.35
C GLN A 285 -22.96 -53.02 -8.04
N GLN A 286 -22.28 -54.00 -7.42
CA GLN A 286 -22.80 -54.70 -6.21
C GLN A 286 -22.61 -53.88 -4.91
N ARG A 287 -21.80 -52.81 -4.98
CA ARG A 287 -21.67 -51.76 -3.91
C ARG A 287 -23.02 -51.05 -3.70
N HIS A 288 -23.23 -50.62 -2.45
CA HIS A 288 -24.49 -49.98 -2.01
C HIS A 288 -24.56 -48.59 -2.66
N SER A 289 -25.76 -48.07 -2.78
CA SER A 289 -26.01 -46.66 -3.05
C SER A 289 -25.68 -45.87 -1.79
N ILE A 290 -25.04 -44.72 -1.98
CA ILE A 290 -24.73 -43.74 -0.90
C ILE A 290 -26.04 -43.28 -0.25
N LYS A 291 -27.16 -43.30 -1.01
CA LYS A 291 -28.51 -42.98 -0.47
C LYS A 291 -28.86 -43.96 0.67
N ASP A 292 -28.58 -45.24 0.47
CA ASP A 292 -28.92 -46.34 1.44
C ASP A 292 -27.93 -46.34 2.61
N VAL A 293 -26.65 -46.18 2.27
CA VAL A 293 -25.61 -45.99 3.31
C VAL A 293 -26.08 -44.86 4.24
N HIS A 294 -26.60 -43.77 3.66
CA HIS A 294 -26.99 -42.50 4.35
C HIS A 294 -28.17 -42.69 5.32
N ALA A 295 -29.17 -43.47 4.87
CA ALA A 295 -30.38 -43.94 5.62
C ALA A 295 -30.04 -44.85 6.82
N ARG A 296 -29.22 -45.89 6.61
CA ARG A 296 -28.76 -46.80 7.69
C ARG A 296 -27.98 -46.02 8.73
N LEU A 297 -27.14 -45.10 8.28
CA LEU A 297 -26.28 -44.33 9.19
C LEU A 297 -27.18 -43.41 10.01
N GLN A 298 -28.08 -42.68 9.36
CA GLN A 298 -29.02 -41.73 10.02
C GLN A 298 -29.97 -42.48 10.95
N ALA A 299 -30.30 -43.74 10.62
CA ALA A 299 -31.15 -44.59 11.47
C ALA A 299 -30.35 -44.93 12.74
N LEU A 300 -29.11 -45.40 12.59
CA LEU A 300 -28.24 -45.79 13.74
C LEU A 300 -27.97 -44.58 14.63
N ALA A 301 -27.66 -43.43 14.02
CA ALA A 301 -27.19 -42.18 14.67
C ALA A 301 -28.26 -41.65 15.63
N GLN A 302 -29.54 -41.78 15.25
CA GLN A 302 -30.68 -41.57 16.18
C GLN A 302 -30.61 -42.70 17.22
N ALA A 303 -30.72 -43.97 16.83
CA ALA A 303 -31.12 -45.09 17.73
C ALA A 303 -30.04 -46.16 17.98
N PRO A 304 -28.76 -45.82 18.34
CA PRO A 304 -27.67 -46.80 18.29
C PRO A 304 -27.92 -48.10 19.09
N ASP B 15 -12.30 -3.20 -10.68
CA ASP B 15 -11.49 -2.57 -9.55
C ASP B 15 -12.24 -1.41 -8.85
N ALA B 16 -13.56 -1.57 -8.54
CA ALA B 16 -14.27 -0.99 -7.35
C ALA B 16 -13.83 -1.70 -6.05
N CYS B 17 -13.13 -2.84 -6.16
CA CYS B 17 -12.80 -3.81 -5.09
C CYS B 17 -11.77 -3.23 -4.13
N VAL B 18 -10.63 -2.82 -4.64
CA VAL B 18 -9.69 -2.09 -3.75
C VAL B 18 -10.34 -0.73 -3.53
N HIS B 19 -9.95 0.05 -2.50
CA HIS B 19 -10.61 1.38 -2.36
C HIS B 19 -9.88 2.47 -3.14
N HIS B 20 -10.60 3.11 -4.04
CA HIS B 20 -10.05 4.16 -4.92
C HIS B 20 -10.27 5.50 -4.27
N ILE B 21 -9.25 6.36 -4.27
CA ILE B 21 -9.46 7.76 -3.88
C ILE B 21 -9.33 8.52 -5.18
N LYS B 22 -10.18 9.55 -5.35
CA LYS B 22 -10.13 10.50 -6.48
C LYS B 22 -9.04 11.56 -6.22
N ARG B 23 -8.21 11.88 -7.23
CA ARG B 23 -7.14 12.91 -7.09
C ARG B 23 -7.73 14.27 -6.72
N ARG B 24 -8.86 14.58 -7.29
CA ARG B 24 -9.53 15.87 -7.03
C ARG B 24 -9.84 15.99 -5.55
N ASP B 25 -10.01 14.90 -4.83
CA ASP B 25 -10.44 14.95 -3.41
C ASP B 25 -9.22 15.06 -2.49
N ILE B 26 -8.01 15.15 -3.09
CA ILE B 26 -6.70 15.45 -2.43
C ILE B 26 -6.27 16.90 -2.64
N VAL B 27 -5.78 17.50 -1.58
CA VAL B 27 -5.00 18.76 -1.65
C VAL B 27 -3.69 18.47 -0.92
N LEU B 28 -2.59 18.38 -1.67
CA LEU B 28 -1.17 18.49 -1.18
C LEU B 28 -0.91 19.80 -0.37
N LYS B 29 -0.33 19.61 0.82
CA LYS B 29 0.00 20.66 1.80
C LYS B 29 1.50 20.86 1.84
N TRP B 30 2.26 19.81 2.18
CA TRP B 30 3.74 19.88 2.01
C TRP B 30 4.31 18.48 1.99
N GLU B 31 5.50 18.36 1.37
CA GLU B 31 6.32 17.13 1.38
C GLU B 31 6.68 16.90 2.83
N LEU B 32 6.54 15.65 3.29
CA LEU B 32 7.18 15.13 4.51
C LEU B 32 8.51 14.47 4.11
N GLY B 33 8.58 13.68 3.04
CA GLY B 33 9.78 12.90 2.72
C GLY B 33 9.94 12.68 1.23
N GLU B 34 11.02 11.96 0.83
CA GLU B 34 11.62 11.95 -0.52
C GLU B 34 12.52 10.71 -0.67
N GLY B 35 12.61 10.12 -1.88
CA GLY B 35 13.32 8.85 -2.19
C GLY B 35 13.61 8.71 -3.69
N ALA B 36 13.99 7.51 -4.14
CA ALA B 36 14.33 7.20 -5.56
C ALA B 36 13.07 6.76 -6.31
N PHE B 37 12.08 6.22 -5.60
CA PHE B 37 10.82 5.72 -6.19
C PHE B 37 9.63 6.55 -5.67
N GLY B 38 9.67 7.05 -4.43
CA GLY B 38 8.56 7.86 -3.89
C GLY B 38 8.93 9.30 -3.56
N LYS B 39 7.93 10.16 -3.44
CA LYS B 39 7.82 11.27 -2.45
C LYS B 39 6.61 10.94 -1.56
N VAL B 40 6.61 11.40 -0.31
CA VAL B 40 5.42 11.37 0.60
C VAL B 40 5.05 12.79 0.98
N PHE B 41 3.77 13.14 0.85
CA PHE B 41 3.28 14.48 1.24
C PHE B 41 2.19 14.33 2.27
N LEU B 42 2.12 15.26 3.19
CA LEU B 42 0.90 15.55 3.94
C LEU B 42 -0.06 16.22 2.94
N ALA B 43 -1.33 15.91 3.05
CA ALA B 43 -2.42 16.38 2.17
C ALA B 43 -3.74 16.34 2.92
N GLU B 44 -4.76 17.00 2.40
CA GLU B 44 -6.12 16.96 2.96
C GLU B 44 -6.95 16.10 2.04
N CYS B 45 -7.79 15.27 2.63
CA CYS B 45 -8.74 14.42 1.93
C CYS B 45 -10.14 14.92 2.24
N HIS B 46 -10.87 15.27 1.19
CA HIS B 46 -12.35 15.48 1.20
C HIS B 46 -13.03 14.10 1.15
N ASN B 47 -13.88 13.81 2.12
CA ASN B 47 -14.60 12.51 2.26
C ASN B 47 -13.59 11.39 2.58
N GLN B 52 -17.05 13.70 8.54
CA GLN B 52 -15.63 13.92 8.13
C GLN B 52 -15.59 14.43 6.68
N ASP B 53 -15.97 15.71 6.54
CA ASP B 53 -15.87 16.54 5.30
C ASP B 53 -14.40 16.72 4.88
N LYS B 54 -13.47 16.72 5.84
CA LYS B 54 -12.01 16.97 5.64
C LYS B 54 -11.18 16.24 6.71
N MET B 55 -9.94 15.86 6.39
CA MET B 55 -9.01 15.26 7.36
C MET B 55 -7.64 15.08 6.72
N LEU B 56 -6.58 14.97 7.51
CA LEU B 56 -5.19 14.85 6.98
C LEU B 56 -4.88 13.38 6.74
N VAL B 57 -4.01 13.12 5.77
CA VAL B 57 -3.57 11.78 5.32
C VAL B 57 -2.11 11.97 4.91
N ALA B 58 -1.36 10.90 4.70
CA ALA B 58 -0.06 10.99 4.02
C ALA B 58 -0.24 10.32 2.68
N VAL B 59 0.37 10.92 1.64
CA VAL B 59 0.20 10.48 0.23
C VAL B 59 1.56 10.04 -0.29
N LYS B 60 1.67 8.76 -0.60
CA LYS B 60 2.83 8.19 -1.29
C LYS B 60 2.56 8.46 -2.78
N ALA B 61 3.50 9.12 -3.43
CA ALA B 61 3.38 9.48 -4.84
C ALA B 61 4.61 8.91 -5.54
N LEU B 62 4.38 8.05 -6.52
CA LEU B 62 5.43 7.41 -7.32
C LEU B 62 5.41 8.02 -8.73
N LYS B 63 6.49 8.70 -9.12
CA LYS B 63 6.59 9.35 -10.45
C LYS B 63 7.52 8.51 -11.34
N GLU B 64 8.30 7.58 -10.77
CA GLU B 64 9.05 6.59 -11.58
C GLU B 64 8.08 6.06 -12.66
N ALA B 65 7.23 5.10 -12.30
CA ALA B 65 5.99 4.78 -13.04
C ALA B 65 6.31 4.22 -14.43
N SER B 66 7.16 3.17 -14.51
CA SER B 66 7.19 2.18 -15.62
C SER B 66 5.84 1.43 -15.66
N GLU B 67 5.74 0.37 -16.47
CA GLU B 67 4.61 -0.61 -16.41
C GLU B 67 4.96 -1.59 -15.31
N SER B 68 6.17 -2.13 -15.31
CA SER B 68 6.69 -3.04 -14.25
C SER B 68 6.39 -2.45 -12.87
N ALA B 69 6.61 -1.14 -12.66
CA ALA B 69 6.52 -0.47 -11.34
C ALA B 69 5.06 -0.09 -11.03
N ARG B 70 4.22 0.11 -12.05
CA ARG B 70 2.77 0.36 -11.83
C ARG B 70 2.04 -0.92 -11.43
N GLN B 71 2.46 -2.08 -11.95
CA GLN B 71 1.85 -3.37 -11.60
C GLN B 71 2.19 -3.66 -10.15
N ASP B 72 3.44 -3.49 -9.74
CA ASP B 72 3.85 -3.77 -8.34
C ASP B 72 3.04 -2.84 -7.40
N PHE B 73 2.80 -1.59 -7.78
CA PHE B 73 2.06 -0.57 -6.97
C PHE B 73 0.60 -1.03 -6.81
N GLN B 74 -0.04 -1.54 -7.89
N GLN B 74 -0.02 -1.51 -7.91
CA GLN B 74 -1.45 -2.08 -7.85
CA GLN B 74 -1.40 -2.10 -7.91
C GLN B 74 -1.47 -3.44 -7.10
C GLN B 74 -1.42 -3.39 -7.05
N ARG B 75 -0.42 -4.29 -7.30
CA ARG B 75 -0.15 -5.44 -6.40
C ARG B 75 -0.10 -4.99 -4.93
N GLU B 76 0.89 -4.22 -4.49
CA GLU B 76 1.01 -3.82 -3.06
C GLU B 76 -0.33 -3.35 -2.48
N ALA B 77 -1.12 -2.61 -3.26
CA ALA B 77 -2.38 -1.96 -2.81
C ALA B 77 -3.49 -3.01 -2.67
N GLU B 78 -3.60 -3.88 -3.65
CA GLU B 78 -4.44 -5.10 -3.58
C GLU B 78 -4.21 -5.86 -2.25
N LEU B 79 -2.95 -6.01 -1.82
CA LEU B 79 -2.56 -6.66 -0.53
C LEU B 79 -2.93 -5.74 0.64
N LEU B 80 -2.45 -4.51 0.64
CA LEU B 80 -2.64 -3.62 1.82
C LEU B 80 -4.13 -3.41 2.09
N THR B 81 -4.95 -3.49 1.05
CA THR B 81 -6.42 -3.28 1.15
C THR B 81 -6.98 -4.23 2.20
N MET B 82 -6.42 -5.44 2.28
CA MET B 82 -7.00 -6.56 3.02
C MET B 82 -6.44 -6.55 4.44
N LEU B 83 -5.32 -5.88 4.69
CA LEU B 83 -4.70 -5.84 6.04
C LEU B 83 -5.42 -4.79 6.88
N GLN B 84 -5.53 -5.03 8.17
CA GLN B 84 -6.15 -4.07 9.11
C GLN B 84 -5.74 -4.49 10.53
N HIS B 85 -5.22 -3.53 11.30
CA HIS B 85 -4.66 -3.78 12.63
C HIS B 85 -4.34 -2.45 13.31
N GLN B 86 -4.50 -2.42 14.62
CA GLN B 86 -4.40 -1.20 15.45
C GLN B 86 -2.98 -0.67 15.31
N HIS B 87 -2.06 -1.54 14.86
CA HIS B 87 -0.59 -1.35 14.91
C HIS B 87 0.06 -1.65 13.54
N ILE B 88 -0.74 -1.59 12.47
CA ILE B 88 -0.25 -1.47 11.06
C ILE B 88 -0.88 -0.22 10.47
N VAL B 89 -0.05 0.81 10.25
CA VAL B 89 -0.32 2.03 9.43
C VAL B 89 -1.57 1.74 8.57
N ARG B 90 -2.66 2.45 8.86
CA ARG B 90 -3.95 2.32 8.13
C ARG B 90 -3.80 2.83 6.70
N PHE B 91 -4.29 2.10 5.72
CA PHE B 91 -4.23 2.42 4.27
C PHE B 91 -5.64 2.66 3.79
N PHE B 92 -5.89 3.87 3.27
CA PHE B 92 -7.21 4.39 2.85
C PHE B 92 -7.52 4.05 1.39
N GLY B 93 -6.51 3.96 0.53
CA GLY B 93 -6.77 3.55 -0.85
C GLY B 93 -5.77 4.10 -1.83
N VAL B 94 -6.13 4.08 -3.11
CA VAL B 94 -5.11 4.20 -4.20
C VAL B 94 -5.73 4.92 -5.40
N CYS B 95 -4.91 5.56 -6.21
CA CYS B 95 -5.33 5.99 -7.55
C CYS B 95 -4.22 5.85 -8.59
N THR B 96 -4.56 5.08 -9.62
CA THR B 96 -3.75 4.70 -10.80
C THR B 96 -4.50 5.25 -12.01
N GLU B 97 -5.38 6.23 -11.80
CA GLU B 97 -5.93 7.15 -12.85
C GLU B 97 -4.86 8.22 -13.11
N GLY B 98 -3.76 7.83 -13.73
CA GLY B 98 -2.75 8.80 -14.22
C GLY B 98 -1.58 8.96 -13.30
N ARG B 99 -0.91 10.12 -13.35
CA ARG B 99 0.46 10.32 -12.78
C ARG B 99 0.45 11.53 -11.86
N PRO B 100 1.18 11.49 -10.74
CA PRO B 100 1.81 10.28 -10.23
C PRO B 100 0.85 9.22 -9.67
N LEU B 101 1.29 7.97 -9.53
CA LEU B 101 0.44 6.98 -8.83
C LEU B 101 0.36 7.36 -7.36
N LEU B 102 -0.83 7.31 -6.79
CA LEU B 102 -1.08 7.71 -5.38
C LEU B 102 -1.42 6.48 -4.53
N MET B 103 -0.84 6.43 -3.32
CA MET B 103 -1.33 5.60 -2.22
C MET B 103 -1.60 6.55 -1.06
N VAL B 104 -2.75 6.43 -0.41
CA VAL B 104 -3.19 7.29 0.72
C VAL B 104 -3.27 6.44 2.00
N PHE B 105 -2.58 6.92 3.04
CA PHE B 105 -2.51 6.39 4.41
C PHE B 105 -2.92 7.47 5.41
N GLU B 106 -3.29 6.99 6.60
CA GLU B 106 -3.48 7.84 7.79
C GLU B 106 -2.17 8.62 8.00
N TYR B 107 -2.29 9.86 8.42
CA TYR B 107 -1.10 10.71 8.73
C TYR B 107 -0.71 10.43 10.18
N MET B 108 0.53 10.04 10.44
CA MET B 108 1.11 9.82 11.80
C MET B 108 2.04 10.98 12.14
N ARG B 109 1.61 11.85 13.05
CA ARG B 109 2.12 13.23 13.27
C ARG B 109 3.60 13.26 13.63
N HIS B 110 4.15 12.26 14.32
CA HIS B 110 5.52 12.34 14.89
C HIS B 110 6.53 11.66 13.97
N GLY B 111 6.02 10.95 12.94
CA GLY B 111 6.91 10.36 11.91
C GLY B 111 7.50 9.02 12.35
N ASP B 112 8.67 8.66 11.80
CA ASP B 112 9.35 7.39 12.17
C ASP B 112 9.76 7.43 13.66
N LEU B 113 9.60 6.27 14.30
CA LEU B 113 9.93 5.95 15.71
C LEU B 113 11.42 6.10 15.98
N ASN B 114 12.30 5.86 15.01
CA ASN B 114 13.73 6.18 15.24
C ASN B 114 13.90 7.69 15.52
N ARG B 115 13.38 8.57 14.66
CA ARG B 115 13.61 10.03 14.78
C ARG B 115 12.91 10.51 16.06
N PHE B 116 11.82 9.84 16.42
CA PHE B 116 11.01 10.11 17.64
C PHE B 116 11.81 9.70 18.87
N LEU B 117 12.52 8.58 18.80
CA LEU B 117 13.30 8.10 19.97
C LEU B 117 14.50 9.00 20.25
N ARG B 118 15.11 9.62 19.24
CA ARG B 118 16.31 10.46 19.42
C ARG B 118 15.86 11.77 20.08
N SER B 119 14.86 12.44 19.51
CA SER B 119 14.10 13.56 20.14
C SER B 119 13.89 13.31 21.62
N HIS B 120 13.24 12.20 21.98
CA HIS B 120 12.57 12.06 23.30
C HIS B 120 13.51 11.34 24.29
N GLY B 121 14.83 11.46 24.10
CA GLY B 121 15.87 10.80 24.90
C GLY B 121 17.03 11.74 25.20
N PRO B 122 17.86 11.43 26.22
CA PRO B 122 18.72 12.43 26.89
C PRO B 122 19.41 13.49 26.00
N GLY B 136 12.04 15.87 27.58
CA GLY B 136 12.73 15.00 28.55
C GLY B 136 12.69 13.53 28.11
N PRO B 137 13.53 12.64 28.68
CA PRO B 137 13.55 11.23 28.27
C PRO B 137 12.22 10.54 28.59
N LEU B 138 11.93 9.38 27.99
CA LEU B 138 10.63 8.66 28.13
C LEU B 138 10.66 7.73 29.35
N GLY B 139 9.54 7.64 30.07
CA GLY B 139 9.33 6.64 31.15
C GLY B 139 9.46 5.21 30.65
N LEU B 140 10.07 4.34 31.47
CA LEU B 140 10.07 2.88 31.28
C LEU B 140 8.70 2.39 30.82
N GLY B 141 7.65 2.78 31.53
CA GLY B 141 6.27 2.48 31.13
C GLY B 141 6.00 2.81 29.65
N GLN B 142 6.57 3.89 29.13
CA GLN B 142 6.30 4.40 27.77
C GLN B 142 7.12 3.58 26.77
N LEU B 143 8.39 3.41 27.07
CA LEU B 143 9.27 2.58 26.23
C LEU B 143 8.66 1.19 26.07
N LEU B 144 8.07 0.61 27.14
CA LEU B 144 7.42 -0.74 27.06
C LEU B 144 6.17 -0.69 26.15
N ALA B 145 5.31 0.33 26.30
CA ALA B 145 4.18 0.61 25.40
C ALA B 145 4.64 0.59 23.95
N VAL B 146 5.70 1.33 23.67
CA VAL B 146 6.29 1.41 22.32
C VAL B 146 6.63 0.00 21.84
N ALA B 147 7.40 -0.75 22.63
CA ALA B 147 7.89 -2.12 22.29
C ALA B 147 6.71 -3.08 22.09
N SER B 148 5.72 -2.90 22.96
CA SER B 148 4.50 -3.73 22.96
C SER B 148 3.73 -3.49 21.66
N GLN B 149 3.55 -2.21 21.30
CA GLN B 149 2.77 -1.73 20.13
C GLN B 149 3.42 -2.24 18.84
N VAL B 150 4.74 -2.10 18.71
CA VAL B 150 5.43 -2.73 17.55
C VAL B 150 5.19 -4.26 17.54
N ALA B 151 5.56 -4.96 18.61
CA ALA B 151 5.36 -6.42 18.81
C ALA B 151 3.95 -6.85 18.39
N ALA B 152 2.93 -6.08 18.74
CA ALA B 152 1.53 -6.34 18.39
C ALA B 152 1.40 -6.43 16.88
N GLY B 153 1.93 -5.43 16.17
CA GLY B 153 1.94 -5.39 14.70
C GLY B 153 2.63 -6.63 14.14
N MET B 154 3.73 -7.02 14.76
CA MET B 154 4.50 -8.21 14.30
C MET B 154 3.74 -9.50 14.59
N VAL B 155 2.92 -9.53 15.63
CA VAL B 155 2.05 -10.70 15.91
C VAL B 155 1.12 -10.87 14.72
N TYR B 156 0.50 -9.82 14.24
CA TYR B 156 -0.46 -9.87 13.11
C TYR B 156 0.24 -10.45 11.86
N LEU B 157 1.47 -10.03 11.59
CA LEU B 157 2.14 -10.42 10.34
C LEU B 157 2.48 -11.89 10.48
N ALA B 158 3.00 -12.29 11.62
CA ALA B 158 3.35 -13.71 11.90
C ALA B 158 2.09 -14.59 11.79
N GLY B 159 1.01 -14.21 12.46
CA GLY B 159 -0.33 -14.77 12.25
C GLY B 159 -0.59 -15.13 10.81
N LEU B 160 -0.35 -14.22 9.89
CA LEU B 160 -0.61 -14.35 8.44
C LEU B 160 0.55 -15.04 7.73
N HIS B 161 1.57 -15.46 8.48
CA HIS B 161 2.77 -16.14 7.94
C HIS B 161 3.30 -15.16 6.87
N PHE B 162 3.40 -13.88 7.21
CA PHE B 162 3.89 -12.76 6.34
C PHE B 162 5.21 -12.23 6.89
N VAL B 163 6.33 -12.38 6.16
CA VAL B 163 7.68 -11.94 6.60
C VAL B 163 7.97 -10.49 6.17
N HIS B 164 8.33 -9.62 7.12
CA HIS B 164 8.58 -8.17 6.90
C HIS B 164 9.96 -7.99 6.22
N ARG B 165 11.00 -8.62 6.76
CA ARG B 165 12.36 -8.68 6.17
C ARG B 165 13.15 -7.41 6.52
N ASP B 166 12.51 -6.33 6.97
CA ASP B 166 13.22 -5.04 7.22
C ASP B 166 12.51 -4.30 8.36
N LEU B 167 12.35 -4.96 9.49
CA LEU B 167 11.74 -4.35 10.70
C LEU B 167 12.82 -3.58 11.46
N ALA B 168 12.61 -2.28 11.66
CA ALA B 168 13.48 -1.35 12.42
C ALA B 168 12.61 -0.20 12.93
N THR B 169 13.08 0.57 13.89
CA THR B 169 12.36 1.77 14.41
C THR B 169 12.08 2.78 13.28
N ARG B 170 12.92 2.85 12.25
CA ARG B 170 12.76 3.84 11.14
C ARG B 170 11.54 3.51 10.27
N ASN B 171 11.09 2.24 10.27
CA ASN B 171 9.99 1.69 9.43
C ASN B 171 8.73 1.54 10.29
N CYS B 172 8.79 2.14 11.48
CA CYS B 172 7.63 2.37 12.35
C CYS B 172 7.33 3.86 12.42
N LEU B 173 6.05 4.22 12.57
CA LEU B 173 5.61 5.63 12.65
C LEU B 173 4.98 5.86 14.01
N VAL B 174 4.87 7.10 14.45
CA VAL B 174 4.31 7.48 15.79
C VAL B 174 3.25 8.58 15.64
N GLY B 175 2.03 8.33 16.10
CA GLY B 175 0.90 9.28 16.07
C GLY B 175 0.77 10.05 17.37
N GLN B 176 -0.27 10.88 17.45
CA GLN B 176 -0.85 11.46 18.70
C GLN B 176 -0.99 10.34 19.76
N GLY B 177 -0.86 10.70 21.04
CA GLY B 177 -1.06 9.82 22.20
C GLY B 177 -0.10 8.65 22.20
N LEU B 178 1.11 8.85 21.70
CA LEU B 178 2.16 7.81 21.57
C LEU B 178 1.58 6.53 20.98
N VAL B 179 0.74 6.65 19.95
CA VAL B 179 0.37 5.46 19.14
C VAL B 179 1.56 5.11 18.24
N VAL B 180 1.96 3.84 18.21
CA VAL B 180 3.06 3.36 17.35
C VAL B 180 2.50 2.25 16.49
N LYS B 181 2.81 2.26 15.20
CA LYS B 181 2.40 1.26 14.18
C LYS B 181 3.57 0.99 13.25
N ILE B 182 3.46 -0.08 12.48
CA ILE B 182 4.49 -0.42 11.47
C ILE B 182 4.09 0.23 10.14
N GLY B 183 5.07 0.92 9.47
CA GLY B 183 4.91 1.87 8.34
C GLY B 183 5.40 1.32 7.00
N ASP B 184 4.93 0.09 6.68
CA ASP B 184 5.42 -0.87 5.63
C ASP B 184 5.94 -0.10 4.41
N PHE B 185 5.81 0.20 3.73
CA PHE B 185 6.56 0.60 2.53
C PHE B 185 6.87 2.09 2.46
N GLY B 186 7.91 2.40 1.69
CA GLY B 186 8.51 3.71 1.67
C GLY B 186 9.93 3.60 1.14
N MET B 187 10.78 4.39 1.39
CA MET B 187 12.13 4.79 0.86
C MET B 187 13.09 4.99 2.07
N SER B 188 13.17 4.01 2.95
CA SER B 188 14.05 4.03 4.15
C SER B 188 15.52 3.90 3.75
N ARG B 189 15.80 3.16 2.67
CA ARG B 189 17.18 2.79 2.21
C ARG B 189 17.89 4.07 1.74
N ASP B 190 17.11 5.03 1.21
CA ASP B 190 17.56 6.38 0.74
C ASP B 190 17.82 7.30 1.95
N ILE B 191 16.81 7.53 2.79
CA ILE B 191 16.92 8.34 4.05
C ILE B 191 18.03 7.72 4.93
N TYR B 192 17.73 6.61 5.62
CA TYR B 192 18.60 5.91 6.62
C TYR B 192 19.59 5.01 5.89
N SEP B 193 20.53 5.67 5.23
CA SEP B 193 21.40 5.09 4.22
CB SEP B 193 22.03 6.26 3.51
OG SEP B 193 22.66 5.83 2.31
C SEP B 193 22.43 4.12 4.80
O SEP B 193 22.70 3.08 4.20
P SEP B 193 23.77 6.80 1.73
O1P SEP B 193 24.84 6.83 2.82
O2P SEP B 193 24.24 6.20 0.41
O3P SEP B 193 23.06 8.13 1.55
N THR B 194 23.05 4.50 5.92
CA THR B 194 24.20 3.79 6.45
C THR B 194 23.76 2.47 7.13
N ASP B 195 22.46 2.31 7.44
CA ASP B 195 21.90 1.14 8.18
C ASP B 195 21.85 -0.12 7.28
N TYR B 196 22.12 0.06 5.99
CA TYR B 196 22.28 -1.01 4.97
C TYR B 196 23.75 -1.13 4.52
N TYR B 197 24.02 -2.13 3.67
CA TYR B 197 25.28 -2.38 2.91
C TYR B 197 24.78 -2.92 1.56
N ARG B 198 25.55 -2.88 0.47
CA ARG B 198 25.02 -3.18 -0.88
C ARG B 198 25.37 -4.62 -1.29
N MET B 204 21.32 -3.95 -1.11
CA MET B 204 21.18 -3.26 0.21
C MET B 204 20.35 -4.10 1.19
N LEU B 205 20.95 -4.47 2.32
CA LEU B 205 20.38 -5.40 3.34
C LEU B 205 20.65 -4.85 4.75
N PRO B 206 19.60 -4.77 5.60
CA PRO B 206 19.75 -4.18 6.94
C PRO B 206 20.55 -5.11 7.87
N ILE B 207 21.80 -5.38 7.53
CA ILE B 207 22.68 -6.38 8.20
C ILE B 207 22.69 -6.16 9.72
N ARG B 208 22.53 -4.94 10.23
CA ARG B 208 22.51 -4.74 11.69
C ARG B 208 21.15 -5.24 12.25
N TRP B 209 20.12 -5.44 11.44
CA TRP B 209 18.82 -5.92 11.98
C TRP B 209 18.62 -7.43 11.73
N MET B 210 19.64 -8.12 11.21
CA MET B 210 19.50 -9.45 10.55
C MET B 210 20.20 -10.51 11.38
N PRO B 211 19.62 -11.71 11.53
CA PRO B 211 20.34 -12.82 12.14
C PRO B 211 21.38 -13.48 11.25
N PRO B 212 22.25 -14.34 11.84
CA PRO B 212 23.26 -15.04 11.08
C PRO B 212 22.68 -15.83 9.91
N GLU B 213 21.50 -16.45 10.05
CA GLU B 213 20.94 -17.30 8.97
C GLU B 213 20.44 -16.44 7.81
N SER B 214 19.97 -15.23 8.08
CA SER B 214 19.57 -14.28 7.02
C SER B 214 20.84 -13.84 6.28
N ILE B 215 21.88 -13.45 7.03
CA ILE B 215 23.14 -12.92 6.44
C ILE B 215 23.79 -14.05 5.65
N LEU B 216 23.96 -15.21 6.28
CA LEU B 216 24.80 -16.32 5.75
C LEU B 216 24.03 -17.14 4.72
N TYR B 217 22.76 -17.48 4.96
CA TYR B 217 22.01 -18.45 4.10
C TYR B 217 20.88 -17.72 3.38
N ARG B 218 20.81 -16.39 3.48
CA ARG B 218 19.78 -15.50 2.85
C ARG B 218 18.34 -15.90 3.27
N LYS B 219 18.19 -16.57 4.43
CA LYS B 219 16.90 -17.11 4.96
C LYS B 219 16.17 -16.02 5.75
N PHE B 220 14.96 -15.68 5.32
CA PHE B 220 14.01 -14.78 6.02
C PHE B 220 12.79 -15.62 6.43
N THR B 221 12.52 -15.73 7.72
CA THR B 221 11.28 -16.35 8.26
C THR B 221 10.69 -15.45 9.34
N THR B 222 9.47 -15.71 9.83
CA THR B 222 8.96 -15.09 11.10
C THR B 222 9.98 -15.24 12.25
N GLU B 223 10.90 -16.21 12.15
CA GLU B 223 12.00 -16.39 13.11
C GLU B 223 13.05 -15.28 12.91
N SER B 224 13.42 -14.94 11.67
CA SER B 224 14.45 -13.89 11.43
C SER B 224 13.86 -12.54 11.80
N ASP B 225 12.56 -12.34 11.61
CA ASP B 225 11.85 -11.10 12.03
C ASP B 225 11.97 -10.93 13.54
N VAL B 226 11.76 -12.02 14.30
CA VAL B 226 11.78 -12.00 15.78
C VAL B 226 13.16 -11.47 16.18
N TRP B 227 14.21 -12.11 15.67
CA TRP B 227 15.59 -11.60 15.77
C TRP B 227 15.57 -10.08 15.59
N SER B 228 15.08 -9.56 14.45
CA SER B 228 15.04 -8.10 14.19
C SER B 228 14.21 -7.37 15.28
N PHE B 229 13.09 -7.93 15.71
CA PHE B 229 12.33 -7.30 16.82
C PHE B 229 13.23 -7.18 18.06
N GLY B 230 14.03 -8.21 18.33
CA GLY B 230 15.05 -8.14 19.39
C GLY B 230 15.85 -6.86 19.26
N VAL B 231 16.34 -6.60 18.07
CA VAL B 231 17.21 -5.41 17.83
C VAL B 231 16.34 -4.17 18.04
N VAL B 232 15.14 -4.17 17.47
CA VAL B 232 14.18 -3.04 17.61
C VAL B 232 14.10 -2.66 19.09
N LEU B 233 13.96 -3.66 19.94
CA LEU B 233 13.87 -3.52 21.43
C LEU B 233 15.11 -2.75 21.93
N TRP B 234 16.28 -3.23 21.53
CA TRP B 234 17.54 -2.52 21.79
C TRP B 234 17.36 -1.05 21.41
N GLU B 235 16.83 -0.77 20.21
CA GLU B 235 16.81 0.60 19.63
C GLU B 235 15.96 1.47 20.54
N ILE B 236 14.81 0.95 20.95
CA ILE B 236 13.85 1.69 21.83
C ILE B 236 14.61 2.09 23.08
N PHE B 237 15.25 1.12 23.72
CA PHE B 237 15.85 1.30 25.06
C PHE B 237 17.22 1.97 24.96
N THR B 238 17.68 2.33 23.76
CA THR B 238 18.89 3.17 23.60
C THR B 238 18.47 4.53 23.03
N TYR B 239 17.18 4.84 23.09
CA TYR B 239 16.59 6.07 22.52
C TYR B 239 17.04 6.27 21.09
N GLY B 240 17.29 5.20 20.33
CA GLY B 240 17.44 5.21 18.86
C GLY B 240 18.87 5.08 18.36
N LYS B 241 19.81 4.48 19.13
CA LYS B 241 21.17 4.19 18.63
C LYS B 241 21.06 3.20 17.48
N GLN B 242 21.97 3.31 16.49
CA GLN B 242 22.24 2.25 15.48
C GLN B 242 23.01 1.14 16.17
N PRO B 243 22.52 -0.11 16.07
CA PRO B 243 23.20 -1.28 16.62
C PRO B 243 24.62 -1.43 16.07
N TRP B 244 25.62 -1.58 16.95
CA TRP B 244 27.05 -1.66 16.58
C TRP B 244 27.52 -0.33 15.97
N TYR B 245 26.92 0.79 16.36
CA TYR B 245 27.23 2.13 15.76
C TYR B 245 28.73 2.33 15.68
N GLN B 246 29.46 1.79 16.66
CA GLN B 246 30.91 2.02 16.84
C GLN B 246 31.68 1.16 15.81
N LEU B 247 31.05 0.15 15.21
CA LEU B 247 31.67 -0.78 14.21
C LEU B 247 31.22 -0.43 12.78
N SER B 248 32.05 -0.71 11.77
CA SER B 248 31.71 -0.54 10.33
C SER B 248 30.86 -1.70 9.85
N ASN B 249 30.23 -1.54 8.68
CA ASN B 249 29.25 -2.50 8.12
C ASN B 249 29.88 -3.88 7.97
N THR B 250 31.13 -3.95 7.52
CA THR B 250 31.85 -5.23 7.34
C THR B 250 32.00 -5.87 8.73
N GLU B 251 32.75 -5.26 9.64
CA GLU B 251 33.06 -5.88 10.96
C GLU B 251 31.79 -6.06 11.82
N ALA B 252 30.69 -5.35 11.54
CA ALA B 252 29.38 -5.64 12.18
C ALA B 252 29.04 -7.10 11.92
N ILE B 253 28.85 -7.44 10.65
CA ILE B 253 28.62 -8.83 10.14
C ILE B 253 29.46 -9.81 10.97
N ASP B 254 30.75 -9.51 11.19
CA ASP B 254 31.68 -10.46 11.84
C ASP B 254 31.24 -10.75 13.27
N CYS B 255 30.76 -9.75 14.03
CA CYS B 255 30.31 -9.94 15.44
C CYS B 255 28.98 -10.69 15.49
N ILE B 256 28.04 -10.32 14.59
CA ILE B 256 26.69 -10.94 14.47
C ILE B 256 26.90 -12.46 14.39
N THR B 257 27.59 -12.91 13.35
CA THR B 257 27.88 -14.32 13.01
C THR B 257 28.77 -14.97 14.09
N GLN B 258 29.82 -14.31 14.59
CA GLN B 258 30.74 -14.92 15.58
C GLN B 258 29.99 -15.27 16.89
N GLY B 259 28.76 -14.77 17.10
CA GLY B 259 27.87 -15.15 18.23
C GLY B 259 27.61 -13.96 19.17
N ARG B 260 28.42 -12.91 19.08
CA ARG B 260 28.48 -11.76 20.04
C ARG B 260 27.15 -10.99 20.04
N GLU B 261 26.41 -11.00 21.17
CA GLU B 261 25.14 -10.24 21.42
C GLU B 261 25.46 -8.75 21.66
N LEU B 262 24.44 -7.88 21.51
CA LEU B 262 24.48 -6.43 21.83
C LEU B 262 24.39 -6.26 23.35
N GLU B 263 24.81 -5.10 23.86
CA GLU B 263 24.94 -4.83 25.31
C GLU B 263 23.59 -4.41 25.89
N ARG B 264 23.33 -4.75 27.16
CA ARG B 264 22.10 -4.35 27.90
C ARG B 264 22.14 -2.84 28.01
N PRO B 265 21.19 -2.09 27.41
CA PRO B 265 21.11 -0.66 27.63
C PRO B 265 21.08 -0.34 29.13
N ARG B 266 21.54 0.88 29.48
CA ARG B 266 21.41 1.51 30.83
C ARG B 266 19.91 1.53 31.18
N ALA B 267 19.07 1.89 30.20
CA ALA B 267 17.63 2.14 30.43
C ALA B 267 16.84 0.82 30.51
N CYS B 268 17.51 -0.33 30.29
CA CYS B 268 16.84 -1.64 30.07
C CYS B 268 16.92 -2.55 31.29
N PRO B 269 15.78 -2.75 31.99
CA PRO B 269 15.67 -3.78 33.01
C PRO B 269 16.07 -5.18 32.57
N PRO B 270 16.66 -5.97 33.51
CA PRO B 270 17.11 -7.32 33.21
C PRO B 270 15.97 -8.22 32.70
N GLU B 271 14.73 -7.93 33.05
CA GLU B 271 13.59 -8.73 32.55
C GLU B 271 13.51 -8.47 31.05
N VAL B 272 13.74 -7.22 30.65
CA VAL B 272 13.57 -6.79 29.24
C VAL B 272 14.74 -7.30 28.41
N TYR B 273 15.93 -7.32 29.00
CA TYR B 273 17.15 -7.89 28.37
C TYR B 273 17.00 -9.42 28.16
N ALA B 274 16.22 -10.08 29.02
CA ALA B 274 15.87 -11.51 28.87
C ALA B 274 15.12 -11.65 27.56
N ILE B 275 14.14 -10.76 27.34
CA ILE B 275 13.27 -10.71 26.12
C ILE B 275 14.19 -10.52 24.92
N MET B 276 15.07 -9.53 24.96
CA MET B 276 16.06 -9.32 23.88
C MET B 276 16.84 -10.62 23.66
N ARG B 277 17.33 -11.28 24.70
CA ARG B 277 18.23 -12.47 24.52
C ARG B 277 17.40 -13.65 23.98
N GLY B 278 16.10 -13.66 24.27
CA GLY B 278 15.19 -14.73 23.83
C GLY B 278 15.10 -14.72 22.34
N CYS B 279 14.87 -13.53 21.75
CA CYS B 279 14.85 -13.22 20.31
C CYS B 279 16.23 -13.47 19.66
N TRP B 280 17.34 -13.47 20.41
CA TRP B 280 18.71 -13.60 19.85
C TRP B 280 19.32 -15.00 20.00
N GLN B 281 18.52 -16.05 20.20
CA GLN B 281 19.06 -17.43 20.16
C GLN B 281 19.61 -17.66 18.75
N ARG B 282 20.80 -18.22 18.62
CA ARG B 282 21.33 -18.44 17.25
C ARG B 282 20.36 -19.37 16.52
N GLU B 283 19.79 -20.36 17.20
CA GLU B 283 18.93 -21.39 16.57
C GLU B 283 17.55 -20.78 16.39
N PRO B 284 17.15 -20.48 15.12
CA PRO B 284 15.82 -19.92 14.84
C PRO B 284 14.73 -20.60 15.68
N GLN B 285 14.83 -21.92 15.79
CA GLN B 285 13.78 -22.78 16.37
C GLN B 285 13.71 -22.52 17.87
N GLN B 286 14.85 -22.17 18.49
CA GLN B 286 14.99 -21.99 19.96
C GLN B 286 14.59 -20.56 20.36
N ARG B 287 14.37 -19.67 19.39
CA ARG B 287 13.94 -18.25 19.58
C ARG B 287 12.46 -18.17 19.93
N HIS B 288 12.09 -17.30 20.87
CA HIS B 288 10.70 -17.12 21.35
C HIS B 288 9.79 -16.81 20.17
N SER B 289 8.52 -17.13 20.34
CA SER B 289 7.47 -16.71 19.40
C SER B 289 7.35 -15.20 19.54
N ILE B 290 6.92 -14.50 18.50
CA ILE B 290 6.52 -13.08 18.71
C ILE B 290 5.34 -13.02 19.70
N LYS B 291 4.45 -14.00 19.66
CA LYS B 291 3.20 -14.00 20.46
C LYS B 291 3.48 -13.99 21.98
N ASP B 292 4.50 -14.70 22.44
CA ASP B 292 4.91 -14.69 23.87
C ASP B 292 5.51 -13.30 24.20
N VAL B 293 6.52 -12.94 23.41
CA VAL B 293 7.28 -11.67 23.53
C VAL B 293 6.30 -10.53 23.72
N HIS B 294 5.31 -10.45 22.84
CA HIS B 294 4.22 -9.45 22.83
C HIS B 294 3.41 -9.51 24.10
N ALA B 295 3.05 -10.73 24.52
CA ALA B 295 2.31 -10.99 25.79
C ALA B 295 3.15 -10.52 26.97
N ARG B 296 4.45 -10.82 27.03
CA ARG B 296 5.27 -10.34 28.18
C ARG B 296 5.26 -8.82 28.13
N LEU B 297 5.65 -8.26 26.98
CA LEU B 297 5.90 -6.81 26.81
C LEU B 297 4.63 -6.04 27.16
N GLN B 298 3.47 -6.59 26.84
CA GLN B 298 2.14 -5.95 27.05
C GLN B 298 1.84 -5.98 28.54
N ALA B 299 2.24 -7.05 29.22
CA ALA B 299 2.04 -7.22 30.68
C ALA B 299 2.92 -6.22 31.42
N LEU B 300 4.18 -6.12 31.02
CA LEU B 300 5.20 -5.28 31.69
C LEU B 300 4.83 -3.83 31.48
N ALA B 301 4.26 -3.55 30.32
CA ALA B 301 3.87 -2.19 29.89
C ALA B 301 2.81 -1.67 30.85
N GLN B 302 1.88 -2.52 31.20
CA GLN B 302 0.77 -2.15 32.12
C GLN B 302 1.23 -2.23 33.59
N ALA B 303 2.33 -2.92 33.88
CA ALA B 303 2.75 -3.31 35.24
C ALA B 303 4.26 -3.49 35.24
N PRO B 304 5.01 -2.39 35.05
CA PRO B 304 6.43 -2.52 34.77
C PRO B 304 7.14 -3.00 36.03
N PRO B 305 8.38 -3.52 35.90
CA PRO B 305 9.25 -3.83 37.05
C PRO B 305 9.98 -2.58 37.56
N VAL B 306 10.56 -2.62 38.77
CA VAL B 306 11.43 -1.51 39.28
C VAL B 306 12.80 -1.60 38.61
N TYR B 307 13.45 -0.45 38.39
CA TYR B 307 14.83 -0.33 37.84
C TYR B 307 15.36 1.08 38.11
N ALA C 16 -13.49 10.75 -13.82
CA ALA C 16 -14.01 11.33 -12.55
C ALA C 16 -12.83 11.80 -11.66
N CYS C 17 -11.62 11.23 -11.72
CA CYS C 17 -10.61 11.41 -10.63
C CYS C 17 -10.16 12.84 -10.60
N VAL C 18 -9.77 13.30 -11.76
CA VAL C 18 -9.41 14.72 -12.08
C VAL C 18 -10.73 15.43 -12.37
N HIS C 19 -10.97 16.70 -12.05
CA HIS C 19 -12.35 17.17 -12.35
C HIS C 19 -12.51 17.52 -13.84
N HIS C 20 -13.57 17.02 -14.43
CA HIS C 20 -13.88 17.22 -15.86
C HIS C 20 -15.00 18.22 -15.99
N ILE C 21 -14.77 19.25 -16.77
CA ILE C 21 -15.82 20.20 -17.15
C ILE C 21 -16.30 19.71 -18.55
N LYS C 22 -17.61 19.85 -18.72
CA LYS C 22 -18.24 19.54 -20.02
C LYS C 22 -18.05 20.74 -20.95
N ARG C 23 -17.69 20.49 -22.20
CA ARG C 23 -17.65 21.53 -23.24
C ARG C 23 -18.94 22.34 -23.30
N ARG C 24 -20.10 21.70 -23.24
CA ARG C 24 -21.41 22.35 -23.40
C ARG C 24 -21.67 23.32 -22.24
N ASP C 25 -21.03 23.10 -21.09
CA ASP C 25 -21.11 24.04 -19.95
C ASP C 25 -20.17 25.24 -20.18
N ILE C 26 -19.60 25.37 -21.36
CA ILE C 26 -18.74 26.54 -21.72
C ILE C 26 -19.32 27.33 -22.90
N VAL C 27 -19.37 28.63 -22.64
CA VAL C 27 -19.62 29.69 -23.61
C VAL C 27 -18.36 30.52 -23.62
N LEU C 28 -17.66 30.61 -24.73
CA LEU C 28 -16.55 31.59 -24.94
C LEU C 28 -17.20 32.95 -25.08
N LYS C 29 -16.54 33.96 -24.52
CA LYS C 29 -16.95 35.36 -24.63
C LYS C 29 -15.97 36.07 -25.55
N TRP C 30 -14.67 35.89 -25.31
CA TRP C 30 -13.62 36.48 -26.16
C TRP C 30 -12.27 35.93 -25.80
N GLU C 31 -11.23 36.30 -26.62
CA GLU C 31 -9.81 35.91 -26.41
C GLU C 31 -9.14 36.89 -25.45
N LEU C 32 -8.40 36.37 -24.46
CA LEU C 32 -7.54 37.15 -23.55
C LEU C 32 -6.07 37.07 -23.95
N GLY C 33 -5.60 35.97 -24.53
CA GLY C 33 -4.18 35.73 -24.87
C GLY C 33 -4.01 34.57 -25.87
N GLU C 34 -2.81 34.45 -26.48
CA GLU C 34 -2.58 33.73 -27.78
C GLU C 34 -1.14 33.19 -27.74
N GLY C 35 -0.91 32.04 -28.37
CA GLY C 35 0.41 31.37 -28.39
C GLY C 35 0.45 30.30 -29.46
N ALA C 36 1.65 29.87 -29.85
CA ALA C 36 1.90 28.75 -30.79
C ALA C 36 1.07 27.53 -30.37
N PHE C 37 1.15 27.19 -29.08
CA PHE C 37 0.53 25.99 -28.45
C PHE C 37 -0.92 26.27 -28.04
N GLY C 38 -1.12 27.33 -27.22
CA GLY C 38 -2.43 27.70 -26.65
C GLY C 38 -3.00 29.03 -27.16
N LYS C 39 -4.34 29.15 -27.14
CA LYS C 39 -5.11 30.42 -26.93
C LYS C 39 -5.72 30.41 -25.52
N VAL C 40 -6.22 31.55 -25.07
CA VAL C 40 -6.88 31.64 -23.74
C VAL C 40 -8.08 32.57 -23.91
N PHE C 41 -9.25 32.09 -23.49
CA PHE C 41 -10.49 32.88 -23.62
C PHE C 41 -11.02 33.23 -22.25
N LEU C 42 -11.69 34.36 -22.20
CA LEU C 42 -12.69 34.56 -21.15
C LEU C 42 -13.93 33.77 -21.59
N ALA C 43 -14.56 33.05 -20.65
CA ALA C 43 -15.75 32.26 -20.94
C ALA C 43 -16.74 32.57 -19.82
N GLU C 44 -18.02 32.13 -20.04
CA GLU C 44 -18.99 31.71 -18.97
C GLU C 44 -18.90 30.21 -18.73
N CYS C 45 -18.97 29.80 -17.46
CA CYS C 45 -19.06 28.40 -17.00
C CYS C 45 -20.37 28.14 -16.26
N HIS C 46 -21.25 27.29 -16.81
CA HIS C 46 -22.58 26.98 -16.21
C HIS C 46 -22.43 25.88 -15.18
N ASN C 47 -23.15 26.00 -14.06
CA ASN C 47 -23.12 25.09 -12.89
C ASN C 47 -21.75 25.32 -12.22
N LEU C 48 -21.03 24.26 -11.84
CA LEU C 48 -19.72 24.45 -11.14
C LEU C 48 -19.98 25.20 -9.83
N LYS C 54 -24.10 30.48 -13.02
CA LYS C 54 -23.19 31.05 -14.04
C LYS C 54 -22.09 31.83 -13.35
N MET C 55 -20.83 31.65 -13.76
CA MET C 55 -19.65 32.40 -13.23
C MET C 55 -18.60 32.48 -14.32
N LEU C 56 -17.67 33.43 -14.20
CA LEU C 56 -16.67 33.68 -15.25
C LEU C 56 -15.46 32.81 -14.97
N VAL C 57 -14.74 32.43 -16.04
CA VAL C 57 -13.45 31.69 -15.95
C VAL C 57 -12.54 32.06 -17.12
N ALA C 58 -11.29 31.59 -17.06
CA ALA C 58 -10.35 31.61 -18.19
C ALA C 58 -10.12 30.18 -18.66
N VAL C 59 -10.22 29.94 -19.95
CA VAL C 59 -10.11 28.56 -20.51
C VAL C 59 -8.82 28.51 -21.31
N LYS C 60 -7.89 27.66 -20.93
CA LYS C 60 -6.72 27.39 -21.79
C LYS C 60 -7.17 26.32 -22.79
N ALA C 61 -7.01 26.58 -24.09
CA ALA C 61 -7.43 25.70 -25.18
C ALA C 61 -6.20 25.46 -26.03
N LEU C 62 -5.80 24.23 -26.20
CA LEU C 62 -4.61 23.85 -26.97
C LEU C 62 -5.14 23.22 -28.25
N LYS C 63 -4.98 23.87 -29.40
CA LYS C 63 -5.37 23.27 -30.72
C LYS C 63 -4.15 22.54 -31.31
N GLU C 64 -2.99 22.57 -30.65
CA GLU C 64 -1.79 21.77 -31.06
C GLU C 64 -2.20 20.30 -31.04
N ALA C 65 -1.98 19.63 -29.92
CA ALA C 65 -2.69 18.38 -29.60
C ALA C 65 -2.20 17.29 -30.56
N SER C 66 -0.90 16.97 -30.52
CA SER C 66 -0.34 15.65 -30.93
C SER C 66 -0.84 14.60 -29.92
N GLU C 67 -0.04 13.59 -29.55
CA GLU C 67 -0.33 12.79 -28.33
C GLU C 67 0.70 13.15 -27.26
N SER C 68 1.97 13.40 -27.61
CA SER C 68 3.00 13.88 -26.66
C SER C 68 2.51 15.14 -25.95
N ALA C 69 1.81 16.01 -26.69
CA ALA C 69 1.21 17.26 -26.17
C ALA C 69 -0.07 16.90 -25.40
N ARG C 70 -0.87 15.98 -25.93
CA ARG C 70 -2.13 15.57 -25.27
C ARG C 70 -1.75 14.92 -23.94
N GLN C 71 -0.68 14.14 -23.89
CA GLN C 71 -0.29 13.54 -22.61
C GLN C 71 0.18 14.66 -21.68
N ASP C 72 1.15 15.47 -22.10
CA ASP C 72 1.70 16.49 -21.19
C ASP C 72 0.49 17.16 -20.54
N PHE C 73 -0.60 17.34 -21.30
CA PHE C 73 -1.72 18.25 -20.92
C PHE C 73 -2.49 17.57 -19.80
N GLN C 74 -2.71 16.25 -19.93
CA GLN C 74 -3.31 15.38 -18.89
C GLN C 74 -2.41 15.34 -17.59
N ARG C 75 -1.12 15.06 -17.75
CA ARG C 75 -0.10 15.15 -16.66
C ARG C 75 -0.23 16.44 -15.85
N GLU C 76 -0.37 17.59 -16.52
CA GLU C 76 -0.43 18.91 -15.86
C GLU C 76 -1.75 18.99 -15.09
N ALA C 77 -2.86 18.50 -15.66
CA ALA C 77 -4.17 18.50 -14.98
C ALA C 77 -4.08 17.60 -13.76
N GLU C 78 -3.48 16.45 -13.93
CA GLU C 78 -3.26 15.48 -12.85
C GLU C 78 -2.47 16.18 -11.73
N LEU C 79 -1.48 17.03 -12.04
CA LEU C 79 -0.77 17.76 -10.95
C LEU C 79 -1.65 18.90 -10.38
N LEU C 80 -2.19 19.76 -11.25
CA LEU C 80 -2.86 21.00 -10.80
C LEU C 80 -4.14 20.71 -10.01
N THR C 81 -4.64 19.50 -10.06
CA THR C 81 -5.96 19.12 -9.50
C THR C 81 -5.76 18.87 -7.98
N MET C 82 -4.49 18.83 -7.55
CA MET C 82 -4.07 18.53 -6.16
C MET C 82 -3.52 19.78 -5.49
N LEU C 83 -3.07 20.75 -6.25
CA LEU C 83 -2.54 22.00 -5.66
C LEU C 83 -3.71 22.88 -5.27
N GLN C 84 -3.53 23.68 -4.23
CA GLN C 84 -4.56 24.67 -3.84
C GLN C 84 -3.96 25.69 -2.89
N HIS C 85 -4.08 26.99 -3.21
CA HIS C 85 -3.47 28.05 -2.40
C HIS C 85 -4.13 29.42 -2.64
N GLN C 86 -4.09 30.29 -1.63
CA GLN C 86 -4.67 31.65 -1.64
C GLN C 86 -4.06 32.38 -2.85
N HIS C 87 -2.80 32.02 -3.22
CA HIS C 87 -1.93 32.72 -4.22
C HIS C 87 -1.31 31.75 -5.23
N ILE C 88 -1.99 30.64 -5.55
CA ILE C 88 -1.79 29.86 -6.82
C ILE C 88 -3.10 29.94 -7.63
N VAL C 89 -3.08 30.42 -8.88
CA VAL C 89 -4.33 30.62 -9.68
C VAL C 89 -5.14 29.35 -9.59
N ARG C 90 -6.44 29.46 -9.33
CA ARG C 90 -7.32 28.31 -9.00
C ARG C 90 -7.64 27.52 -10.26
N PHE C 91 -7.56 26.19 -10.20
CA PHE C 91 -7.84 25.26 -11.33
C PHE C 91 -9.14 24.54 -11.03
N PHE C 92 -10.08 24.62 -11.97
CA PHE C 92 -11.48 24.14 -11.88
C PHE C 92 -11.67 22.79 -12.59
N GLY C 93 -10.93 22.52 -13.64
CA GLY C 93 -11.01 21.23 -14.34
C GLY C 93 -10.47 21.24 -15.75
N VAL C 94 -10.77 20.20 -16.48
CA VAL C 94 -10.14 19.97 -17.79
C VAL C 94 -11.11 19.09 -18.57
N CYS C 95 -11.19 19.29 -19.87
CA CYS C 95 -11.89 18.35 -20.73
C CYS C 95 -10.99 18.00 -21.90
N THR C 96 -10.82 16.70 -22.06
CA THR C 96 -9.95 16.06 -23.08
C THR C 96 -10.92 15.37 -24.04
N GLU C 97 -12.24 15.64 -23.89
CA GLU C 97 -13.33 15.13 -24.79
C GLU C 97 -13.28 15.90 -26.15
N GLY C 98 -12.24 15.61 -26.95
CA GLY C 98 -12.15 16.14 -28.33
C GLY C 98 -11.16 17.28 -28.43
N ARG C 99 -11.33 18.14 -29.42
CA ARG C 99 -10.42 19.28 -29.68
C ARG C 99 -11.26 20.55 -29.72
N PRO C 100 -10.72 21.67 -29.21
CA PRO C 100 -9.38 21.67 -28.61
C PRO C 100 -9.34 21.23 -27.14
N LEU C 101 -8.21 20.74 -26.63
CA LEU C 101 -8.15 20.33 -25.19
C LEU C 101 -8.42 21.58 -24.34
N LEU C 102 -9.08 21.42 -23.21
CA LEU C 102 -9.56 22.57 -22.38
C LEU C 102 -9.04 22.40 -20.98
N MET C 103 -8.60 23.49 -20.37
CA MET C 103 -8.22 23.52 -18.96
C MET C 103 -8.90 24.73 -18.37
N VAL C 104 -9.81 24.59 -17.42
CA VAL C 104 -10.59 25.75 -16.91
C VAL C 104 -10.01 26.23 -15.59
N PHE C 105 -9.83 27.57 -15.51
CA PHE C 105 -9.25 28.30 -14.36
C PHE C 105 -10.11 29.48 -13.93
N GLU C 106 -9.82 29.99 -12.73
CA GLU C 106 -10.48 31.19 -12.21
C GLU C 106 -10.08 32.33 -13.13
N TYR C 107 -10.99 33.27 -13.36
CA TYR C 107 -10.68 34.49 -14.18
C TYR C 107 -10.01 35.52 -13.28
N MET C 108 -8.81 35.98 -13.63
CA MET C 108 -8.08 37.08 -12.96
C MET C 108 -8.14 38.28 -13.90
N ARG C 109 -9.00 39.25 -13.59
N ARG C 109 -8.90 39.30 -13.49
CA ARG C 109 -9.56 40.27 -14.51
CA ARG C 109 -9.60 40.29 -14.35
C ARG C 109 -8.46 41.17 -15.11
C ARG C 109 -8.66 41.45 -14.72
N HIS C 110 -7.36 41.38 -14.39
CA HIS C 110 -6.38 42.43 -14.79
C HIS C 110 -5.14 41.81 -15.40
N GLY C 111 -5.22 40.47 -15.71
CA GLY C 111 -4.20 39.61 -16.42
C GLY C 111 -2.86 39.47 -15.76
N ASP C 112 -1.80 39.42 -16.50
CA ASP C 112 -0.38 39.15 -16.11
C ASP C 112 0.25 40.41 -15.46
N LEU C 113 0.95 40.17 -14.35
CA LEU C 113 1.48 41.19 -13.44
C LEU C 113 2.47 42.11 -14.16
N ASN C 114 3.11 41.62 -15.20
CA ASN C 114 4.12 42.43 -15.92
C ASN C 114 3.40 43.56 -16.68
N ARG C 115 2.46 43.18 -17.51
CA ARG C 115 1.65 44.14 -18.26
C ARG C 115 0.95 45.04 -17.25
N PHE C 116 0.64 44.52 -16.07
CA PHE C 116 -0.06 45.31 -15.04
C PHE C 116 0.88 46.31 -14.39
N LEU C 117 2.09 45.90 -14.00
CA LEU C 117 3.09 46.83 -13.45
C LEU C 117 3.41 47.96 -14.44
N ARG C 118 3.53 47.65 -15.73
CA ARG C 118 3.77 48.63 -16.82
C ARG C 118 2.58 49.59 -16.98
N SER C 119 1.37 49.06 -17.17
CA SER C 119 0.12 49.87 -17.08
C SER C 119 0.28 50.90 -15.94
N HIS C 120 0.55 50.44 -14.71
CA HIS C 120 0.25 51.24 -13.50
C HIS C 120 1.51 51.75 -12.83
N GLY C 121 2.42 52.31 -13.61
CA GLY C 121 3.70 52.86 -13.13
C GLY C 121 3.89 54.24 -13.74
N PRO C 122 5.01 54.93 -13.48
CA PRO C 122 5.22 56.26 -14.03
C PRO C 122 4.88 56.47 -15.52
N ASP C 123 4.73 55.39 -16.31
CA ASP C 123 4.42 55.44 -17.77
C ASP C 123 2.89 55.43 -17.99
N ALA C 134 -4.88 60.60 -12.53
CA ALA C 134 -4.84 59.53 -11.50
C ALA C 134 -5.73 58.36 -11.93
N PRO C 135 -5.54 57.12 -11.45
CA PRO C 135 -4.82 56.82 -10.20
C PRO C 135 -3.37 57.36 -10.02
N GLY C 136 -2.48 57.08 -10.97
CA GLY C 136 -1.03 57.24 -10.73
C GLY C 136 -0.35 55.92 -10.37
N PRO C 137 0.99 55.97 -10.17
CA PRO C 137 1.78 54.76 -9.93
C PRO C 137 1.48 54.11 -8.57
N LEU C 138 1.56 52.79 -8.51
CA LEU C 138 1.23 52.04 -7.30
C LEU C 138 2.01 52.76 -6.12
N GLY C 139 1.37 52.83 -4.93
CA GLY C 139 2.05 53.05 -3.63
C GLY C 139 3.18 52.02 -3.39
N LEU C 140 4.17 52.36 -2.55
CA LEU C 140 5.13 51.39 -1.92
C LEU C 140 4.38 50.25 -1.23
N GLY C 141 3.35 50.56 -0.47
CA GLY C 141 2.59 49.55 0.27
C GLY C 141 1.98 48.55 -0.66
N GLN C 142 1.63 48.97 -1.87
CA GLN C 142 0.91 48.12 -2.86
C GLN C 142 1.97 47.25 -3.55
N LEU C 143 3.09 47.91 -3.83
CA LEU C 143 4.25 47.20 -4.39
C LEU C 143 4.65 46.10 -3.44
N LEU C 144 4.56 46.33 -2.13
CA LEU C 144 5.00 45.35 -1.10
C LEU C 144 3.96 44.25 -1.03
N ALA C 145 2.67 44.65 -0.98
CA ALA C 145 1.50 43.74 -0.94
C ALA C 145 1.60 42.78 -2.13
N VAL C 146 1.99 43.29 -3.31
CA VAL C 146 2.18 42.48 -4.55
C VAL C 146 3.29 41.47 -4.29
N ALA C 147 4.47 41.89 -3.80
CA ALA C 147 5.64 40.99 -3.62
C ALA C 147 5.34 39.92 -2.56
N SER C 148 4.70 40.32 -1.47
CA SER C 148 4.31 39.42 -0.38
C SER C 148 3.48 38.27 -0.98
N GLN C 149 2.49 38.61 -1.81
CA GLN C 149 1.52 37.64 -2.35
C GLN C 149 2.25 36.69 -3.28
N VAL C 150 3.28 37.14 -4.00
CA VAL C 150 3.98 36.17 -4.91
C VAL C 150 4.77 35.20 -4.05
N ALA C 151 5.60 35.75 -3.17
CA ALA C 151 6.39 35.04 -2.14
C ALA C 151 5.51 34.02 -1.41
N ALA C 152 4.31 34.43 -1.02
CA ALA C 152 3.29 33.52 -0.41
C ALA C 152 3.06 32.30 -1.31
N GLY C 153 2.68 32.50 -2.57
CA GLY C 153 2.51 31.39 -3.53
C GLY C 153 3.75 30.52 -3.59
N MET C 154 4.93 31.13 -3.60
CA MET C 154 6.22 30.45 -3.79
C MET C 154 6.60 29.65 -2.54
N VAL C 155 6.22 30.10 -1.37
CA VAL C 155 6.43 29.26 -0.14
C VAL C 155 5.71 27.92 -0.26
N TYR C 156 4.46 27.88 -0.75
CA TYR C 156 3.67 26.65 -0.94
C TYR C 156 4.44 25.68 -1.84
N LEU C 157 4.90 26.15 -3.00
CA LEU C 157 5.69 25.32 -3.94
C LEU C 157 6.96 24.78 -3.27
N ALA C 158 7.68 25.59 -2.50
CA ALA C 158 8.98 25.13 -1.95
C ALA C 158 8.67 24.01 -0.94
N GLY C 159 7.61 24.19 -0.14
CA GLY C 159 7.14 23.22 0.85
C GLY C 159 6.80 21.88 0.22
N LEU C 160 6.26 21.86 -1.00
CA LEU C 160 6.04 20.61 -1.80
C LEU C 160 7.35 20.23 -2.47
N HIS C 161 8.46 20.90 -2.13
CA HIS C 161 9.73 20.75 -2.86
C HIS C 161 9.38 20.73 -4.37
N PHE C 162 8.45 21.58 -4.84
CA PHE C 162 8.18 21.81 -6.29
C PHE C 162 8.98 23.05 -6.71
N VAL C 163 9.51 23.00 -7.93
CA VAL C 163 10.45 24.00 -8.52
C VAL C 163 9.81 24.56 -9.80
N HIS C 164 9.57 25.86 -9.83
CA HIS C 164 8.79 26.55 -10.89
C HIS C 164 9.61 26.58 -12.18
N ARG C 165 10.80 27.16 -12.09
CA ARG C 165 11.83 27.17 -13.16
C ARG C 165 11.66 28.38 -14.07
N ASP C 166 10.50 29.05 -14.03
CA ASP C 166 10.23 30.28 -14.83
C ASP C 166 9.38 31.28 -13.99
N LEU C 167 9.73 31.47 -12.73
CA LEU C 167 9.10 32.58 -11.98
C LEU C 167 9.43 33.91 -12.67
N ALA C 168 8.42 34.77 -12.84
CA ALA C 168 8.48 36.09 -13.52
C ALA C 168 7.10 36.75 -13.43
N THR C 169 7.00 38.08 -13.38
CA THR C 169 5.71 38.85 -13.32
C THR C 169 4.81 38.51 -14.52
N ARG C 170 5.37 38.12 -15.66
CA ARG C 170 4.56 37.70 -16.82
C ARG C 170 3.73 36.48 -16.43
N ASN C 171 4.20 35.68 -15.46
CA ASN C 171 3.67 34.36 -15.07
C ASN C 171 2.95 34.43 -13.73
N CYS C 172 2.72 35.63 -13.22
CA CYS C 172 1.72 35.88 -12.16
C CYS C 172 0.60 36.70 -12.75
N LEU C 173 -0.59 36.52 -12.18
CA LEU C 173 -1.85 37.11 -12.65
C LEU C 173 -2.41 37.96 -11.53
N VAL C 174 -3.22 38.96 -11.92
CA VAL C 174 -3.67 40.12 -11.08
C VAL C 174 -5.18 40.26 -11.24
N GLY C 175 -5.93 40.31 -10.13
CA GLY C 175 -7.39 40.46 -10.17
C GLY C 175 -7.87 41.66 -9.42
N GLN C 176 -9.18 41.96 -9.52
CA GLN C 176 -10.01 42.87 -8.68
C GLN C 176 -9.35 43.11 -7.32
N GLY C 177 -9.10 44.38 -6.99
CA GLY C 177 -8.59 44.78 -5.67
C GLY C 177 -7.23 44.19 -5.35
N LEU C 178 -6.41 43.93 -6.37
CA LEU C 178 -4.93 43.73 -6.28
C LEU C 178 -4.58 42.37 -5.65
N VAL C 179 -5.48 41.39 -5.73
CA VAL C 179 -5.17 39.97 -5.40
C VAL C 179 -4.20 39.51 -6.46
N VAL C 180 -3.06 38.94 -6.09
CA VAL C 180 -2.01 38.46 -7.02
C VAL C 180 -1.75 36.97 -6.76
N LYS C 181 -1.51 36.20 -7.83
CA LYS C 181 -1.36 34.73 -7.80
C LYS C 181 -0.39 34.28 -8.86
N ILE C 182 0.20 33.10 -8.69
CA ILE C 182 1.10 32.50 -9.70
C ILE C 182 0.25 31.76 -10.76
N GLY C 183 0.34 32.24 -12.04
CA GLY C 183 -0.46 31.89 -13.23
C GLY C 183 0.36 31.02 -14.17
N ASP C 184 1.11 30.11 -13.51
CA ASP C 184 1.98 28.98 -13.99
C ASP C 184 2.50 29.34 -15.41
N PHE C 185 2.93 28.33 -16.18
CA PHE C 185 3.18 28.48 -17.64
C PHE C 185 1.97 29.19 -18.28
N GLY C 186 1.37 28.59 -19.33
CA GLY C 186 0.59 29.28 -20.39
C GLY C 186 1.35 29.20 -21.72
N MET C 187 1.66 30.34 -22.36
CA MET C 187 2.46 30.41 -23.62
C MET C 187 3.48 31.57 -23.55
N SER C 188 4.17 31.70 -22.40
CA SER C 188 5.05 32.85 -22.06
C SER C 188 6.17 33.05 -23.09
N ARG C 189 6.65 31.98 -23.72
CA ARG C 189 7.86 32.01 -24.58
C ARG C 189 7.53 32.69 -25.91
N ASP C 190 6.25 32.68 -26.32
CA ASP C 190 5.74 33.34 -27.56
C ASP C 190 5.48 34.84 -27.28
N ILE C 191 4.71 35.12 -26.23
CA ILE C 191 4.16 36.47 -25.87
C ILE C 191 5.29 37.40 -25.40
N TYR C 192 6.15 36.94 -24.47
CA TYR C 192 7.31 37.69 -23.89
C TYR C 192 8.59 37.03 -24.38
N SEP C 193 8.75 37.08 -25.70
CA SEP C 193 9.69 36.23 -26.40
CB SEP C 193 9.25 36.21 -27.86
OG SEP C 193 10.15 37.02 -28.62
C SEP C 193 11.15 36.65 -26.13
O SEP C 193 12.00 35.76 -26.02
P SEP C 193 10.40 36.63 -30.17
O1P SEP C 193 11.44 37.65 -30.60
O2P SEP C 193 9.06 36.79 -30.88
O3P SEP C 193 10.90 35.19 -30.16
N THR C 194 11.43 37.96 -25.96
CA THR C 194 12.77 38.50 -25.80
C THR C 194 13.35 38.30 -24.39
N ASP C 195 12.53 37.82 -23.45
CA ASP C 195 12.94 37.49 -22.05
C ASP C 195 13.73 36.16 -22.00
N TYR C 196 13.53 35.29 -23.01
CA TYR C 196 14.19 33.97 -23.19
C TYR C 196 15.30 34.03 -24.25
N TYR C 197 16.16 33.00 -24.30
CA TYR C 197 17.33 32.79 -25.21
C TYR C 197 17.37 31.31 -25.64
N ARG C 198 17.89 31.00 -26.82
CA ARG C 198 17.86 29.63 -27.44
C ARG C 198 19.12 28.81 -27.05
N VAL C 199 19.20 27.55 -27.49
CA VAL C 199 20.24 26.54 -27.08
C VAL C 199 20.51 25.60 -28.26
N ARG C 202 17.25 22.79 -28.81
CA ARG C 202 16.35 23.96 -29.06
C ARG C 202 15.42 24.17 -27.85
N THR C 203 15.98 24.41 -26.67
CA THR C 203 15.24 24.88 -25.47
C THR C 203 15.32 26.42 -25.43
N MET C 204 14.27 27.07 -24.93
CA MET C 204 14.17 28.54 -24.71
C MET C 204 14.14 28.79 -23.18
N LEU C 205 15.20 29.39 -22.60
CA LEU C 205 15.43 29.54 -21.13
C LEU C 205 15.38 31.01 -20.68
N PRO C 206 14.69 31.31 -19.53
CA PRO C 206 14.49 32.69 -19.08
C PRO C 206 15.77 33.23 -18.46
N ILE C 207 16.80 33.31 -19.30
CA ILE C 207 18.21 33.56 -18.88
C ILE C 207 18.28 34.70 -17.86
N ARG C 208 17.49 35.76 -18.07
CA ARG C 208 17.58 37.01 -17.27
C ARG C 208 17.18 36.72 -15.83
N TRP C 209 16.34 35.71 -15.61
CA TRP C 209 15.77 35.37 -14.28
C TRP C 209 16.55 34.25 -13.56
N MET C 210 17.61 33.73 -14.18
CA MET C 210 18.32 32.49 -13.76
C MET C 210 19.64 32.82 -13.08
N PRO C 211 20.00 32.12 -12.00
CA PRO C 211 21.30 32.27 -11.38
C PRO C 211 22.35 31.52 -12.15
N PRO C 212 23.63 31.68 -11.75
CA PRO C 212 24.75 31.03 -12.43
C PRO C 212 24.61 29.51 -12.57
N GLU C 213 24.25 28.82 -11.49
CA GLU C 213 24.20 27.34 -11.56
C GLU C 213 23.11 26.90 -12.54
N SER C 214 22.10 27.74 -12.78
CA SER C 214 20.97 27.37 -13.66
C SER C 214 21.35 27.64 -15.10
N ILE C 215 22.07 28.74 -15.31
CA ILE C 215 22.67 29.01 -16.63
C ILE C 215 23.71 27.91 -16.90
N LEU C 216 24.85 27.93 -16.21
CA LEU C 216 26.04 27.05 -16.45
C LEU C 216 25.63 25.57 -16.43
N TYR C 217 25.17 25.08 -15.28
CA TYR C 217 25.04 23.63 -14.97
C TYR C 217 23.63 23.16 -15.35
N ARG C 218 22.66 24.07 -15.49
CA ARG C 218 21.22 23.73 -15.69
C ARG C 218 20.61 23.10 -14.42
N LYS C 219 21.26 23.19 -13.26
CA LYS C 219 20.68 22.85 -11.92
C LYS C 219 19.57 23.86 -11.56
N PHE C 220 18.30 23.43 -11.62
CA PHE C 220 17.09 24.17 -11.16
C PHE C 220 16.62 23.63 -9.82
N THR C 221 16.60 24.43 -8.75
CA THR C 221 16.20 23.95 -7.40
C THR C 221 15.21 24.92 -6.77
N THR C 222 14.88 24.74 -5.50
CA THR C 222 14.14 25.79 -4.75
C THR C 222 15.04 27.03 -4.65
N GLU C 223 16.36 26.83 -4.59
CA GLU C 223 17.30 27.94 -4.35
C GLU C 223 17.42 28.80 -5.61
N SER C 224 17.34 28.18 -6.79
CA SER C 224 17.34 28.90 -8.09
C SER C 224 16.08 29.76 -8.18
N ASP C 225 14.92 29.21 -7.82
CA ASP C 225 13.64 29.95 -7.77
C ASP C 225 13.76 31.12 -6.79
N VAL C 226 14.49 31.02 -5.68
CA VAL C 226 14.54 32.18 -4.74
C VAL C 226 15.25 33.32 -5.47
N TRP C 227 16.36 32.99 -6.14
CA TRP C 227 17.11 33.89 -7.05
C TRP C 227 16.09 34.62 -7.93
N SER C 228 15.39 33.87 -8.79
CA SER C 228 14.29 34.34 -9.68
C SER C 228 13.34 35.27 -8.92
N PHE C 229 12.89 34.87 -7.75
CA PHE C 229 12.06 35.76 -6.90
C PHE C 229 12.75 37.12 -6.73
N GLY C 230 13.99 37.18 -6.20
CA GLY C 230 14.78 38.44 -6.19
C GLY C 230 14.58 39.24 -7.50
N VAL C 231 14.74 38.58 -8.64
CA VAL C 231 14.59 39.23 -9.97
C VAL C 231 13.14 39.71 -10.11
N VAL C 232 12.18 38.99 -9.55
CA VAL C 232 10.75 39.41 -9.59
C VAL C 232 10.58 40.69 -8.75
N LEU C 233 11.11 40.65 -7.54
CA LEU C 233 11.14 41.79 -6.62
C LEU C 233 11.73 42.99 -7.36
N TRP C 234 12.75 42.80 -8.17
CA TRP C 234 13.30 43.94 -8.95
C TRP C 234 12.28 44.42 -9.98
N GLU C 235 11.73 43.51 -10.79
CA GLU C 235 10.65 43.80 -11.74
C GLU C 235 9.60 44.63 -11.04
N ILE C 236 9.12 44.15 -9.89
CA ILE C 236 8.02 44.84 -9.16
C ILE C 236 8.43 46.30 -8.91
N PHE C 237 9.64 46.55 -8.40
CA PHE C 237 10.09 47.89 -7.94
C PHE C 237 10.56 48.77 -9.12
N THR C 238 10.44 48.29 -10.35
CA THR C 238 10.83 49.03 -11.58
C THR C 238 9.60 49.13 -12.50
N TYR C 239 8.43 48.88 -11.94
CA TYR C 239 7.11 48.77 -12.63
C TYR C 239 7.19 47.93 -13.90
N GLY C 240 8.03 46.87 -13.83
CA GLY C 240 8.04 45.74 -14.77
C GLY C 240 8.98 45.91 -15.94
N LYS C 241 10.21 46.34 -15.70
CA LYS C 241 11.25 46.51 -16.74
C LYS C 241 11.89 45.14 -16.88
N GLN C 242 12.42 44.82 -18.06
CA GLN C 242 13.19 43.59 -18.28
C GLN C 242 14.51 43.78 -17.56
N PRO C 243 14.93 42.81 -16.70
CA PRO C 243 16.26 42.88 -16.11
C PRO C 243 17.32 42.98 -17.22
N TRP C 244 18.36 43.81 -17.02
CA TRP C 244 19.46 44.05 -17.98
C TRP C 244 18.83 44.33 -19.34
N TYR C 245 17.82 45.19 -19.41
CA TYR C 245 17.10 45.53 -20.68
C TYR C 245 18.05 46.20 -21.68
N GLN C 246 19.11 46.83 -21.20
CA GLN C 246 20.06 47.60 -22.05
C GLN C 246 21.06 46.61 -22.67
N LEU C 247 21.17 45.38 -22.16
CA LEU C 247 22.11 44.31 -22.62
C LEU C 247 21.38 43.28 -23.50
N SER C 248 22.05 42.71 -24.50
CA SER C 248 21.51 41.56 -25.28
C SER C 248 21.53 40.33 -24.37
N ASN C 249 20.85 39.26 -24.80
CA ASN C 249 20.81 37.97 -24.06
C ASN C 249 22.21 37.45 -23.74
N THR C 250 23.20 37.59 -24.64
CA THR C 250 24.55 37.00 -24.43
C THR C 250 25.35 37.85 -23.43
N GLU C 251 25.31 39.18 -23.54
CA GLU C 251 26.04 40.04 -22.56
C GLU C 251 25.23 40.07 -21.25
N ALA C 252 23.93 39.79 -21.31
CA ALA C 252 23.09 39.65 -20.09
C ALA C 252 23.64 38.50 -19.24
N ILE C 253 23.94 37.37 -19.89
CA ILE C 253 24.61 36.18 -19.30
C ILE C 253 25.95 36.62 -18.71
N ASP C 254 26.86 37.13 -19.52
CA ASP C 254 28.18 37.62 -19.03
C ASP C 254 27.93 38.31 -17.69
N CYS C 255 27.05 39.31 -17.64
CA CYS C 255 26.96 40.19 -16.46
C CYS C 255 26.55 39.33 -15.25
N ILE C 256 25.68 38.33 -15.45
CA ILE C 256 25.08 37.48 -14.37
C ILE C 256 26.13 36.50 -13.80
N THR C 257 26.79 35.77 -14.71
CA THR C 257 27.84 34.75 -14.43
C THR C 257 29.08 35.42 -13.85
N GLN C 258 29.32 36.69 -14.20
CA GLN C 258 30.47 37.49 -13.71
C GLN C 258 30.24 37.93 -12.24
N GLY C 259 28.98 38.02 -11.80
CA GLY C 259 28.63 38.38 -10.41
C GLY C 259 27.83 39.67 -10.34
N ARG C 260 27.87 40.46 -11.40
CA ARG C 260 27.24 41.81 -11.42
C ARG C 260 25.76 41.66 -11.02
N GLU C 261 25.35 42.38 -9.98
CA GLU C 261 23.97 42.43 -9.44
C GLU C 261 23.27 43.67 -10.00
N LEU C 262 21.99 43.55 -10.35
CA LEU C 262 21.11 44.65 -10.84
C LEU C 262 21.10 45.80 -9.84
N GLU C 263 21.03 47.02 -10.38
CA GLU C 263 20.91 48.33 -9.65
C GLU C 263 19.68 48.33 -8.73
N ARG C 264 19.75 49.00 -7.58
CA ARG C 264 18.59 49.27 -6.68
C ARG C 264 17.64 50.17 -7.47
N PRO C 265 16.36 49.81 -7.71
CA PRO C 265 15.45 50.73 -8.41
C PRO C 265 15.30 52.07 -7.67
N ARG C 266 14.86 53.11 -8.37
CA ARG C 266 14.65 54.46 -7.76
C ARG C 266 13.54 54.30 -6.72
N ALA C 267 12.56 53.43 -6.98
CA ALA C 267 11.38 53.22 -6.10
C ALA C 267 11.71 52.33 -4.89
N CYS C 268 12.91 51.70 -4.83
CA CYS C 268 13.23 50.59 -3.90
C CYS C 268 13.94 51.10 -2.64
N PRO C 269 13.28 51.04 -1.46
CA PRO C 269 13.95 51.25 -0.18
C PRO C 269 15.10 50.25 0.04
N PRO C 270 16.18 50.64 0.75
CA PRO C 270 17.31 49.74 1.02
C PRO C 270 17.00 48.49 1.87
N GLU C 271 15.89 48.46 2.61
CA GLU C 271 15.48 47.23 3.33
C GLU C 271 15.13 46.20 2.25
N VAL C 272 14.47 46.64 1.18
CA VAL C 272 13.91 45.70 0.17
C VAL C 272 15.05 45.20 -0.68
N TYR C 273 15.88 46.11 -1.14
CA TYR C 273 17.12 45.76 -1.88
C TYR C 273 17.94 44.71 -1.12
N ALA C 274 17.97 44.78 0.21
CA ALA C 274 18.71 43.83 1.05
C ALA C 274 18.13 42.43 0.81
N ILE C 275 16.80 42.39 0.63
CA ILE C 275 16.00 41.16 0.33
C ILE C 275 16.56 40.60 -0.96
N MET C 276 16.50 41.38 -2.05
CA MET C 276 17.04 40.98 -3.38
C MET C 276 18.44 40.39 -3.22
N ARG C 277 19.35 41.12 -2.59
CA ARG C 277 20.73 40.63 -2.33
C ARG C 277 20.61 39.28 -1.63
N GLY C 278 19.80 39.22 -0.57
CA GLY C 278 19.46 37.97 0.15
C GLY C 278 19.25 36.80 -0.79
N CYS C 279 18.47 37.03 -1.86
CA CYS C 279 18.10 36.03 -2.89
C CYS C 279 19.22 35.84 -3.91
N TRP C 280 20.14 36.80 -4.06
CA TRP C 280 21.14 36.78 -5.16
C TRP C 280 22.51 36.28 -4.69
N GLN C 281 22.66 35.75 -3.48
CA GLN C 281 23.95 35.15 -3.02
C GLN C 281 24.36 34.15 -4.11
N ARG C 282 25.66 33.97 -4.36
CA ARG C 282 26.18 33.13 -5.47
C ARG C 282 26.09 31.66 -5.09
N GLU C 283 26.40 31.35 -3.84
CA GLU C 283 26.30 29.98 -3.25
C GLU C 283 24.84 29.74 -2.90
N PRO C 284 24.16 28.77 -3.56
CA PRO C 284 22.77 28.45 -3.27
C PRO C 284 22.45 28.24 -1.78
N GLN C 285 23.29 27.49 -1.10
CA GLN C 285 23.17 27.20 0.35
C GLN C 285 23.04 28.52 1.12
N GLN C 286 23.76 29.58 0.74
CA GLN C 286 23.92 30.85 1.51
C GLN C 286 22.71 31.78 1.29
N ARG C 287 21.95 31.57 0.21
CA ARG C 287 20.74 32.37 -0.15
C ARG C 287 19.69 32.23 0.96
N HIS C 288 18.77 33.19 1.04
CA HIS C 288 17.64 33.15 1.99
C HIS C 288 16.62 32.10 1.55
N SER C 289 15.82 31.65 2.50
CA SER C 289 14.66 30.78 2.26
C SER C 289 13.47 31.68 1.89
N ILE C 290 12.75 31.31 0.85
CA ILE C 290 11.50 31.99 0.51
C ILE C 290 10.66 32.19 1.78
N LYS C 291 10.68 31.23 2.71
CA LYS C 291 9.82 31.35 3.92
C LYS C 291 10.23 32.60 4.68
N ASP C 292 11.53 32.82 4.87
CA ASP C 292 12.08 34.05 5.50
C ASP C 292 11.78 35.25 4.61
N VAL C 293 12.17 35.18 3.34
CA VAL C 293 11.88 36.28 2.39
C VAL C 293 10.42 36.69 2.64
N HIS C 294 9.53 35.72 2.74
CA HIS C 294 8.07 36.01 2.77
C HIS C 294 7.69 36.70 4.08
N ALA C 295 8.30 36.35 5.22
CA ALA C 295 7.95 36.96 6.50
C ALA C 295 8.46 38.41 6.52
N ARG C 296 9.57 38.69 5.85
CA ARG C 296 10.13 40.06 5.92
C ARG C 296 9.27 40.99 5.05
N LEU C 297 8.81 40.47 3.91
CA LEU C 297 7.99 41.25 2.96
C LEU C 297 6.63 41.53 3.57
N GLN C 298 6.16 40.63 4.42
CA GLN C 298 4.85 40.74 5.10
C GLN C 298 4.99 41.76 6.24
N ALA C 299 6.06 41.63 7.02
CA ALA C 299 6.48 42.59 8.06
C ALA C 299 6.52 44.00 7.47
N LEU C 300 7.37 44.22 6.47
CA LEU C 300 7.48 45.55 5.78
C LEU C 300 6.09 46.02 5.31
N ALA C 301 5.33 45.16 4.61
CA ALA C 301 3.97 45.45 4.14
C ALA C 301 3.16 46.07 5.27
N GLN C 302 3.18 45.49 6.47
CA GLN C 302 2.33 45.98 7.58
C GLN C 302 2.95 47.24 8.20
N ALA C 303 4.28 47.31 8.36
CA ALA C 303 4.98 48.51 8.90
C ALA C 303 4.45 49.77 8.23
N PRO C 304 4.20 50.87 8.99
CA PRO C 304 4.01 52.23 8.43
C PRO C 304 5.21 52.77 7.64
N PRO C 305 5.01 53.74 6.71
CA PRO C 305 5.90 53.93 5.55
C PRO C 305 7.34 54.43 5.83
N VAL C 306 7.61 55.74 5.80
CA VAL C 306 8.99 56.27 6.00
C VAL C 306 9.19 56.52 7.51
ZN ZN D . -13.35 -7.89 -7.33
C4 OOY E . -10.27 -23.82 10.74
C14 OOY E . -8.24 -27.45 5.81
C5 OOY E . -8.97 -24.40 10.94
C6 OOY E . -9.05 -23.77 13.33
C11 OOY E . -8.97 -25.06 8.57
C7 OOY E . -8.17 -23.77 14.57
C8 OOY E . -7.03 -25.70 13.88
C9 OOY E . -7.92 -25.77 12.65
C10 OOY E . -8.36 -25.02 9.84
C12 OOY E . -7.34 -24.91 6.65
C13 OOY E . -7.42 -25.36 5.22
N1 OOY E . -10.83 -24.44 7.11
N2 OOY E . -8.36 -24.43 12.22
C3 OOY E . -10.86 -23.84 9.51
N3 OOY E . -8.29 -25.65 7.50
O1 OOY E . -12.89 -23.39 7.28
C1 OOY E . -11.96 -23.83 6.60
C2 OOY E . -10.24 -24.45 8.41
O2 OOY E . -7.71 -25.07 14.95
O3 OOY E . -7.20 -26.77 5.12
C15 OOY E . -8.27 -27.12 7.28
C16 OOY E . -12.11 -23.83 5.08
C17 OOY E . -13.29 -23.38 4.52
C18 OOY E . -13.45 -23.42 3.14
C19 OOY E . -12.46 -23.92 2.31
C20 OOY E . -11.30 -24.38 2.87
O4 OOY E . -10.32 -24.94 2.06
C21 OOY E . -9.96 -26.27 2.30
C22 OOY E . -10.90 -27.24 2.61
C23 OOY E . -10.49 -28.54 2.87
C24 OOY E . -9.15 -28.87 2.84
C25 OOY E . -8.22 -27.90 2.53
C26 OOY E . -8.61 -26.59 2.25
C27 OOY E . -11.13 -24.36 4.24
O1 SRT F . -28.61 -32.43 7.79
O11 SRT F . -29.05 -32.47 9.97
C1 SRT F . -28.53 -32.93 8.92
C2 SRT F . -27.66 -34.20 9.07
O2 SRT F . -27.14 -34.30 10.38
C3 SRT F . -28.46 -35.45 8.70
O3 SRT F . -29.02 -35.35 7.41
C4 SRT F . -27.55 -36.68 8.79
O4 SRT F . -27.39 -37.22 9.91
O41 SRT F . -27.02 -37.06 7.74
ZN ZN G . -8.28 7.52 -9.76
C4 OOY H . 5.35 12.88 9.63
C14 OOY H . 8.82 8.14 6.86
C5 OOY H . 6.72 13.21 9.42
C6 OOY H . 6.56 14.93 11.17
C11 OOY H . 6.93 11.17 8.07
C7 OOY H . 7.15 16.25 11.63
C8 OOY H . 9.19 15.80 10.64
C9 OOY H . 8.74 14.44 10.18
C10 OOY H . 7.49 12.34 8.64
C12 OOY H . 8.11 10.71 5.90
C13 OOY H . 8.61 9.55 5.05
N1 OOY H . 4.97 9.74 7.72
N2 OOY H . 7.27 14.39 10.01
C3 OOY H . 4.80 11.75 9.10
N3 OOY H . 7.73 10.33 7.29
O1 OOY H . 2.68 9.96 7.98
C1 OOY H . 3.66 9.39 7.49
C2 OOY H . 5.55 10.90 8.29
O2 OOY H . 8.55 16.15 11.86
O3 OOY H . 9.52 8.75 5.78
C15 OOY H . 8.43 9.17 7.89
C16 OOY H . 3.45 8.16 6.63
C17 OOY H . 2.24 7.51 6.69
C18 OOY H . 2.04 6.37 5.91
C19 OOY H . 3.04 5.86 5.09
C20 OOY H . 4.25 6.52 5.03
O4 OOY H . 5.24 6.04 4.20
C21 OOY H . 6.45 5.64 4.78
C22 OOY H . 6.47 4.88 5.94
C23 OOY H . 7.69 4.53 6.52
C24 OOY H . 8.87 4.92 5.93
C25 OOY H . 8.85 5.67 4.78
C26 OOY H . 7.63 6.04 4.19
C27 OOY H . 4.46 7.64 5.80
O1 SRT I . 0.02 0.16 24.61
O11 SRT I . 1.27 -0.94 26.02
C1 SRT I . 0.49 -0.89 25.11
C2 SRT I . 0.01 -2.26 24.64
O2 SRT I . -0.46 -2.94 25.77
C3 SRT I . -1.06 -2.17 23.53
O3 SRT I . -0.90 -1.00 22.74
C4 SRT I . -1.06 -3.42 22.63
O4 SRT I . -0.05 -4.15 22.63
O41 SRT I . -2.07 -3.59 21.92
ZN ZN J . -15.34 16.30 -21.69
C4 OOY K . -7.07 39.10 -18.58
C14 OOY K . -1.90 35.43 -19.42
C5 OOY K . -6.21 39.58 -19.61
C6 OOY K . -7.27 41.80 -19.48
C11 OOY K . -4.95 37.51 -19.45
C7 OOY K . -7.39 43.09 -20.25
C8 OOY K . -5.19 42.89 -21.05
C9 OOY K . -5.05 41.57 -20.33
C10 OOY K . -5.16 38.77 -20.00
C12 OOY K . -3.80 36.30 -21.30
C13 OOY K . -2.98 35.04 -21.40
N1 OOY K . -5.51 35.75 -17.91
N2 OOY K . -6.34 40.89 -20.17
C3 OOY K . -6.85 37.86 -18.00
N3 OOY K . -3.89 36.78 -19.90
O1 OOY K . -7.28 35.12 -16.58
C1 OOY K . -6.22 34.87 -17.14
C2 OOY K . -5.79 37.05 -18.42
O2 OOY K . -6.12 43.74 -20.41
O3 OOY K . -1.71 35.27 -20.81
C15 OOY K . -2.65 36.69 -19.12
C16 OOY K . -5.61 33.51 -16.94
C17 OOY K . -6.04 32.75 -15.87
C18 OOY K . -5.50 31.48 -15.65
C19 OOY K . -4.55 30.95 -16.52
C20 OOY K . -4.13 31.71 -17.60
O4 OOY K . -3.15 31.25 -18.48
C21 OOY K . -1.93 31.93 -18.52
C22 OOY K . -1.53 32.71 -17.45
C23 OOY K . -0.33 33.42 -17.52
C24 OOY K . 0.45 33.35 -18.65
C25 OOY K . 0.04 32.58 -19.72
C26 OOY K . -1.15 31.85 -19.65
C27 OOY K . -4.65 32.98 -17.79
#